data_6VR5
#
_entry.id   6VR5
#
_cell.length_a   71.596
_cell.length_b   79.656
_cell.length_c   85.862
_cell.angle_alpha   90.000
_cell.angle_beta   102.110
_cell.angle_gamma   90.000
#
_symmetry.space_group_name_H-M   'P 1 21 1'
#
loop_
_entity.id
_entity.type
_entity.pdbx_description
1 polymer 'MHC class I antigen'
2 polymer Beta-2-microglobulin
3 polymer 'Cellular tumor antigen p53 peptide'
4 water water
#
loop_
_entity_poly.entity_id
_entity_poly.type
_entity_poly.pdbx_seq_one_letter_code
_entity_poly.pdbx_strand_id
1 'polypeptide(L)'
;MGSHSMRYFFTSVSRPGRGEPRFIAVGYVDDTQFVRFDSDAASQRMEPRAPWIEQEGPEYWDGETRKVKAHSQTHRVDLG
TLRGYYNQSEAGSHTVQRMYGCDVGSDWRFLRGYHQYAYDGKDYIALKEDLRSWTAADMAAQTTKHKWEAAHVAEQLRAY
LEGTCVEWLRRYLENGKETLQRTDAPKTHMTHHAVSDHEATLRCWALSFYPAEITLTWQRDGEDQTQDTELVETRPAGDG
TFQKWAAVVVPSGQEQRYTCHVQHEGLPKPLTLRWEGGGLNDIFEAQKIEWHE
;
A,D
2 'polypeptide(L)'
;MIQRTPKIQVYSRHPAENGKSNFLNCYVSGFHPSDIEVDLLKNGERIEKVEHSDLSFSKDWSFYLLYYTEFTPTEKDEYA
CRVNHVTLSQPKIVKWDRDM
;
B,E
3 'polypeptide(L)' HMTEVVRHC P,Q
#
# COMPACT_ATOMS: atom_id res chain seq x y z
N GLY A 2 -8.71 -4.01 1.36
CA GLY A 2 -8.63 -2.57 1.37
C GLY A 2 -9.92 -2.00 1.98
N SER A 3 -10.23 -0.80 1.52
CA SER A 3 -11.30 -0.05 2.14
C SER A 3 -12.55 -0.25 1.28
N HIS A 4 -13.69 0.16 1.85
CA HIS A 4 -14.97 -0.22 1.27
C HIS A 4 -15.95 0.90 1.50
N SER A 5 -16.95 0.94 0.63
CA SER A 5 -18.01 1.94 0.82
C SER A 5 -19.43 1.42 0.59
N MET A 6 -20.39 2.11 1.22
CA MET A 6 -21.77 2.04 0.79
C MET A 6 -22.30 3.42 0.39
N ARG A 7 -23.05 3.44 -0.71
CA ARG A 7 -23.54 4.71 -1.24
C ARG A 7 -24.97 4.55 -1.76
N TYR A 8 -25.81 5.52 -1.41
CA TYR A 8 -27.14 5.68 -2.01
C TYR A 8 -27.25 6.94 -2.88
N PHE A 9 -27.86 6.80 -4.09
CA PHE A 9 -28.00 7.89 -5.06
C PHE A 9 -29.50 8.08 -5.30
N PHE A 10 -29.98 9.30 -5.12
CA PHE A 10 -31.40 9.59 -5.29
C PHE A 10 -31.57 10.73 -6.29
N THR A 11 -32.49 10.54 -7.26
CA THR A 11 -32.78 11.55 -8.26
C THR A 11 -34.29 11.83 -8.28
N SER A 12 -34.71 13.09 -8.13
CA SER A 12 -36.10 13.48 -8.39
C SER A 12 -36.15 14.56 -9.48
N VAL A 13 -36.92 14.30 -10.53
CA VAL A 13 -37.00 15.21 -11.67
C VAL A 13 -38.46 15.65 -11.78
N SER A 14 -38.75 16.96 -11.70
CA SER A 14 -40.13 17.38 -11.92
C SER A 14 -40.47 17.34 -13.41
N ARG A 15 -41.74 17.04 -13.72
CA ARG A 15 -42.24 17.12 -15.09
C ARG A 15 -43.60 17.83 -15.10
N PRO A 16 -43.64 19.16 -15.37
CA PRO A 16 -44.88 19.93 -15.27
C PRO A 16 -45.85 19.60 -16.40
N GLY A 17 -47.11 19.38 -16.01
CA GLY A 17 -48.12 18.89 -16.93
C GLY A 17 -48.20 17.36 -16.97
N ARG A 18 -47.08 16.68 -16.66
CA ARG A 18 -47.02 15.23 -16.81
C ARG A 18 -47.25 14.54 -15.46
N GLY A 19 -47.98 15.19 -14.54
CA GLY A 19 -48.35 14.54 -13.30
C GLY A 19 -47.23 14.56 -12.25
N GLU A 20 -46.86 13.38 -11.71
CA GLU A 20 -45.98 13.35 -10.55
C GLU A 20 -44.53 13.39 -11.00
N PRO A 21 -43.58 13.78 -10.10
CA PRO A 21 -42.16 13.78 -10.46
C PRO A 21 -41.67 12.34 -10.60
N ARG A 22 -40.63 12.12 -11.43
CA ARG A 22 -39.86 10.89 -11.51
C ARG A 22 -38.89 10.85 -10.32
N PHE A 23 -38.76 9.67 -9.69
CA PHE A 23 -37.85 9.43 -8.58
C PHE A 23 -37.19 8.08 -8.79
N ILE A 24 -35.83 8.07 -8.77
CA ILE A 24 -34.96 6.90 -8.94
C ILE A 24 -33.98 6.83 -7.76
N ALA A 25 -33.78 5.60 -7.26
CA ALA A 25 -32.91 5.44 -6.13
C ALA A 25 -32.08 4.17 -6.34
N VAL A 26 -30.76 4.28 -6.12
CA VAL A 26 -29.92 3.09 -6.24
C VAL A 26 -28.95 3.04 -5.07
N GLY A 27 -28.58 1.81 -4.73
CA GLY A 27 -27.65 1.54 -3.67
C GLY A 27 -26.53 0.71 -4.25
N TYR A 28 -25.34 0.96 -3.66
CA TYR A 28 -24.06 0.43 -4.08
C TYR A 28 -23.32 -0.01 -2.83
N VAL A 29 -22.62 -1.13 -2.95
CA VAL A 29 -21.41 -1.35 -2.19
C VAL A 29 -20.23 -1.33 -3.18
N ASP A 30 -19.24 -0.46 -2.90
CA ASP A 30 -18.09 -0.21 -3.76
C ASP A 30 -18.64 -0.01 -5.16
N ASP A 31 -18.31 -0.90 -6.12
CA ASP A 31 -18.67 -0.58 -7.50
C ASP A 31 -19.80 -1.47 -8.00
N THR A 32 -20.54 -2.09 -7.07
CA THR A 32 -21.57 -3.09 -7.36
C THR A 32 -22.92 -2.64 -6.76
N GLN A 33 -23.90 -2.51 -7.66
CA GLN A 33 -25.25 -2.04 -7.36
C GLN A 33 -26.09 -3.19 -6.82
N PHE A 34 -26.87 -2.94 -5.74
CA PHE A 34 -27.52 -4.07 -5.11
C PHE A 34 -29.02 -3.84 -4.92
N VAL A 35 -29.46 -2.59 -4.98
CA VAL A 35 -30.86 -2.28 -4.86
C VAL A 35 -31.25 -1.17 -5.85
N ARG A 36 -32.58 -1.06 -6.07
CA ARG A 36 -33.10 -0.03 -6.95
C ARG A 36 -34.52 0.31 -6.51
N PHE A 37 -34.99 1.47 -6.96
CA PHE A 37 -36.39 1.80 -6.89
C PHE A 37 -36.70 2.70 -8.09
N ASP A 38 -37.85 2.49 -8.76
CA ASP A 38 -38.29 3.28 -9.92
C ASP A 38 -39.76 3.66 -9.74
N SER A 39 -40.06 4.96 -9.56
CA SER A 39 -41.43 5.38 -9.29
C SER A 39 -42.32 5.01 -10.49
N ASP A 40 -41.76 4.87 -11.70
CA ASP A 40 -42.51 4.54 -12.92
C ASP A 40 -42.55 3.03 -13.20
N ALA A 41 -41.75 2.20 -12.52
CA ALA A 41 -41.88 0.74 -12.57
C ALA A 41 -43.21 0.25 -11.95
N ALA A 42 -43.58 -1.00 -12.22
CA ALA A 42 -44.85 -1.55 -11.77
C ALA A 42 -44.81 -2.05 -10.31
N SER A 43 -43.66 -2.52 -9.84
CA SER A 43 -43.60 -3.12 -8.51
C SER A 43 -44.08 -2.13 -7.43
N GLN A 44 -43.61 -0.91 -7.52
CA GLN A 44 -43.69 -0.02 -6.36
C GLN A 44 -43.07 -0.64 -5.10
N ARG A 45 -41.98 -1.40 -5.27
CA ARG A 45 -41.15 -1.80 -4.14
C ARG A 45 -39.65 -1.60 -4.40
N MET A 46 -38.88 -1.58 -3.31
CA MET A 46 -37.44 -1.65 -3.42
C MET A 46 -37.07 -3.01 -4.03
N GLU A 47 -36.29 -3.05 -5.11
CA GLU A 47 -36.01 -4.30 -5.81
C GLU A 47 -34.56 -4.70 -5.61
N PRO A 48 -34.23 -6.02 -5.48
CA PRO A 48 -32.83 -6.48 -5.43
C PRO A 48 -32.13 -6.48 -6.80
N ARG A 49 -30.80 -6.26 -6.83
CA ARG A 49 -30.02 -6.09 -8.06
C ARG A 49 -28.72 -6.85 -7.96
N ALA A 50 -28.52 -7.47 -6.79
CA ALA A 50 -27.38 -8.36 -6.61
C ALA A 50 -27.88 -9.70 -6.04
N PRO A 51 -27.28 -10.85 -6.39
CA PRO A 51 -27.73 -12.09 -5.76
C PRO A 51 -27.79 -12.08 -4.23
N TRP A 52 -26.75 -11.59 -3.55
CA TRP A 52 -26.53 -11.76 -2.13
C TRP A 52 -27.53 -10.96 -1.27
N ILE A 53 -28.15 -9.91 -1.84
CA ILE A 53 -29.10 -9.14 -1.05
C ILE A 53 -30.39 -9.95 -0.84
N GLU A 54 -30.53 -11.03 -1.65
CA GLU A 54 -31.72 -11.85 -1.55
C GLU A 54 -31.70 -12.61 -0.24
N GLN A 55 -30.61 -12.63 0.52
CA GLN A 55 -30.54 -13.28 1.83
C GLN A 55 -31.37 -12.53 2.84
N GLU A 56 -31.83 -11.33 2.49
CA GLU A 56 -32.53 -10.46 3.41
C GLU A 56 -33.98 -10.88 3.51
N GLY A 57 -34.56 -10.68 4.70
CA GLY A 57 -35.88 -11.22 5.02
C GLY A 57 -37.00 -10.31 4.54
N PRO A 58 -38.28 -10.72 4.68
CA PRO A 58 -39.39 -9.85 4.26
C PRO A 58 -39.51 -8.52 5.02
N GLU A 59 -39.00 -8.45 6.28
CA GLU A 59 -39.05 -7.19 7.05
C GLU A 59 -38.03 -6.20 6.45
N TYR A 60 -36.97 -6.76 5.87
CA TYR A 60 -36.01 -5.90 5.21
C TYR A 60 -36.76 -5.23 4.07
N TRP A 61 -37.32 -6.03 3.15
CA TRP A 61 -37.95 -5.43 1.98
C TRP A 61 -39.12 -4.49 2.38
N ASP A 62 -39.84 -4.84 3.44
CA ASP A 62 -40.94 -3.98 3.85
C ASP A 62 -40.40 -2.68 4.50
N GLY A 63 -39.30 -2.74 5.27
CA GLY A 63 -38.64 -1.51 5.67
C GLY A 63 -38.07 -0.64 4.53
N GLU A 64 -37.26 -1.23 3.64
CA GLU A 64 -36.59 -0.47 2.60
C GLU A 64 -37.63 0.24 1.74
N THR A 65 -38.66 -0.49 1.29
CA THR A 65 -39.72 0.11 0.50
C THR A 65 -40.44 1.27 1.23
N ARG A 66 -40.78 1.06 2.52
CA ARG A 66 -41.35 2.12 3.35
C ARG A 66 -40.48 3.38 3.32
N LYS A 67 -39.19 3.26 3.65
CA LYS A 67 -38.22 4.36 3.64
C LYS A 67 -38.02 4.98 2.25
N VAL A 68 -37.92 4.16 1.20
CA VAL A 68 -37.65 4.73 -0.13
C VAL A 68 -38.85 5.57 -0.56
N LYS A 69 -40.04 5.10 -0.22
CA LYS A 69 -41.22 5.90 -0.54
C LYS A 69 -41.24 7.21 0.27
N ALA A 70 -40.79 7.19 1.52
CA ALA A 70 -40.64 8.42 2.32
C ALA A 70 -39.58 9.37 1.72
N HIS A 71 -38.49 8.85 1.12
CA HIS A 71 -37.50 9.70 0.46
C HIS A 71 -38.17 10.35 -0.75
N SER A 72 -38.93 9.58 -1.53
CA SER A 72 -39.60 10.14 -2.69
C SER A 72 -40.59 11.22 -2.22
N GLN A 73 -41.39 10.89 -1.22
CA GLN A 73 -42.37 11.89 -0.79
C GLN A 73 -41.70 13.20 -0.37
N THR A 74 -40.60 13.09 0.38
CA THR A 74 -39.91 14.31 0.78
C THR A 74 -39.35 15.06 -0.42
N HIS A 75 -38.87 14.34 -1.46
CA HIS A 75 -38.23 14.96 -2.60
C HIS A 75 -39.29 15.51 -3.54
N ARG A 76 -40.49 14.99 -3.42
CA ARG A 76 -41.60 15.62 -4.11
C ARG A 76 -41.93 16.98 -3.49
N VAL A 77 -42.00 17.09 -2.15
CA VAL A 77 -42.18 18.39 -1.48
C VAL A 77 -40.99 19.35 -1.75
N ASP A 78 -39.73 18.91 -1.71
CA ASP A 78 -38.57 19.74 -2.05
C ASP A 78 -38.66 20.40 -3.44
N LEU A 79 -39.00 19.69 -4.52
CA LEU A 79 -39.10 20.36 -5.83
C LEU A 79 -39.96 21.64 -5.74
N GLY A 80 -41.12 21.54 -5.09
CA GLY A 80 -41.94 22.71 -4.81
C GLY A 80 -41.32 23.70 -3.83
N THR A 81 -40.62 23.24 -2.80
CA THR A 81 -40.03 24.23 -1.92
C THR A 81 -38.91 25.01 -2.65
N LEU A 82 -38.12 24.30 -3.45
CA LEU A 82 -36.97 24.95 -4.08
C LEU A 82 -37.43 25.94 -5.16
N ARG A 83 -38.43 25.55 -5.98
CA ARG A 83 -39.02 26.47 -6.95
C ARG A 83 -39.33 27.79 -6.26
N GLY A 84 -39.86 27.76 -5.02
CA GLY A 84 -40.11 28.96 -4.22
C GLY A 84 -38.81 29.67 -3.81
N TYR A 85 -37.92 28.95 -3.13
CA TYR A 85 -36.67 29.55 -2.74
C TYR A 85 -35.96 30.30 -3.89
N TYR A 86 -36.10 29.83 -5.15
CA TYR A 86 -35.34 30.38 -6.25
C TYR A 86 -36.22 31.27 -7.14
N ASN A 87 -37.52 31.38 -6.79
CA ASN A 87 -38.52 32.18 -7.48
C ASN A 87 -38.58 31.76 -8.94
N GLN A 88 -38.66 30.45 -9.16
CA GLN A 88 -38.65 29.96 -10.54
C GLN A 88 -40.09 29.77 -11.02
N SER A 89 -40.22 29.59 -12.32
CA SER A 89 -41.52 29.31 -12.88
C SER A 89 -41.97 27.88 -12.50
N GLU A 90 -43.27 27.60 -12.71
CA GLU A 90 -43.85 26.27 -12.57
C GLU A 90 -43.76 25.49 -13.88
N ALA A 91 -43.11 26.04 -14.91
CA ALA A 91 -43.18 25.48 -16.25
C ALA A 91 -41.90 24.72 -16.61
N GLY A 92 -40.74 25.11 -16.08
CA GLY A 92 -39.52 24.34 -16.34
C GLY A 92 -39.49 22.99 -15.60
N SER A 93 -38.61 22.09 -16.02
CA SER A 93 -38.23 20.87 -15.31
C SER A 93 -37.00 21.11 -14.42
N HIS A 94 -37.04 20.64 -13.17
CA HIS A 94 -35.93 20.80 -12.21
C HIS A 94 -35.58 19.51 -11.47
N THR A 95 -34.33 19.41 -11.01
CA THR A 95 -33.79 18.17 -10.54
C THR A 95 -33.26 18.31 -9.12
N VAL A 96 -33.67 17.39 -8.23
CA VAL A 96 -33.06 17.24 -6.93
C VAL A 96 -32.30 15.92 -6.88
N GLN A 97 -31.09 15.97 -6.32
CA GLN A 97 -30.24 14.81 -6.14
C GLN A 97 -29.76 14.83 -4.70
N ARG A 98 -29.77 13.63 -4.09
CA ARG A 98 -29.16 13.43 -2.77
C ARG A 98 -28.25 12.21 -2.86
N MET A 99 -27.17 12.21 -2.09
CA MET A 99 -26.29 11.06 -1.94
C MET A 99 -25.83 11.04 -0.48
N TYR A 100 -25.75 9.81 0.08
CA TYR A 100 -25.20 9.62 1.42
C TYR A 100 -24.63 8.22 1.54
N GLY A 101 -23.84 7.96 2.60
CA GLY A 101 -23.23 6.66 2.84
C GLY A 101 -21.92 6.82 3.64
N CYS A 102 -21.22 5.71 3.87
CA CYS A 102 -20.04 5.60 4.73
C CYS A 102 -18.86 4.94 3.98
N ASP A 103 -17.62 5.36 4.27
CA ASP A 103 -16.39 4.61 3.96
C ASP A 103 -15.85 3.94 5.24
N VAL A 104 -15.44 2.66 5.11
CA VAL A 104 -14.64 1.97 6.10
C VAL A 104 -13.26 1.66 5.54
N GLY A 105 -12.22 1.62 6.40
CA GLY A 105 -10.87 1.23 5.99
C GLY A 105 -10.69 -0.29 5.97
N SER A 106 -9.43 -0.71 5.80
CA SER A 106 -9.13 -2.12 5.63
C SER A 106 -9.56 -2.89 6.87
N ASP A 107 -9.67 -2.22 8.03
CA ASP A 107 -10.07 -2.94 9.24
C ASP A 107 -11.61 -2.91 9.38
N TRP A 108 -12.30 -2.48 8.32
CA TRP A 108 -13.74 -2.33 8.28
C TRP A 108 -14.25 -1.37 9.38
N ARG A 109 -13.50 -0.35 9.74
CA ARG A 109 -14.04 0.63 10.67
C ARG A 109 -14.29 1.97 9.99
N PHE A 110 -15.18 2.73 10.66
CA PHE A 110 -15.64 4.02 10.18
C PHE A 110 -14.42 4.89 9.86
N LEU A 111 -14.41 5.40 8.63
CA LEU A 111 -13.44 6.37 8.16
C LEU A 111 -14.13 7.71 7.91
N ARG A 112 -15.17 7.71 7.07
CA ARG A 112 -15.77 8.94 6.59
C ARG A 112 -17.28 8.71 6.34
N GLY A 113 -18.04 9.78 6.43
CA GLY A 113 -19.47 9.73 6.20
C GLY A 113 -19.87 10.98 5.44
N TYR A 114 -20.87 10.87 4.57
CA TYR A 114 -21.24 12.02 3.77
C TYR A 114 -22.75 12.02 3.50
N HIS A 115 -23.31 13.21 3.27
CA HIS A 115 -24.74 13.46 3.08
C HIS A 115 -24.91 14.85 2.45
N GLN A 116 -25.19 14.90 1.15
CA GLN A 116 -25.09 16.13 0.37
C GLN A 116 -26.23 16.18 -0.66
N TYR A 117 -26.68 17.40 -0.97
CA TYR A 117 -27.85 17.68 -1.78
C TYR A 117 -27.43 18.56 -2.94
N ALA A 118 -28.05 18.31 -4.10
CA ALA A 118 -27.88 19.11 -5.29
C ALA A 118 -29.21 19.67 -5.74
N TYR A 119 -29.19 20.89 -6.29
CA TYR A 119 -30.33 21.34 -7.09
C TYR A 119 -29.87 21.81 -8.47
N ASP A 120 -30.51 21.28 -9.54
CA ASP A 120 -30.21 21.54 -10.95
C ASP A 120 -28.73 21.53 -11.27
N GLY A 121 -27.97 20.57 -10.75
CA GLY A 121 -26.66 20.30 -11.29
C GLY A 121 -25.55 20.98 -10.52
N LYS A 122 -25.91 21.56 -9.38
CA LYS A 122 -24.91 22.17 -8.52
C LYS A 122 -25.32 21.98 -7.07
N ASP A 123 -24.32 22.04 -6.19
CA ASP A 123 -24.51 21.87 -4.75
C ASP A 123 -25.58 22.80 -4.22
N TYR A 124 -26.32 22.26 -3.29
CA TYR A 124 -27.32 22.99 -2.57
C TYR A 124 -26.91 23.03 -1.10
N ILE A 125 -26.89 21.87 -0.41
CA ILE A 125 -26.49 21.80 1.00
C ILE A 125 -25.80 20.47 1.23
N ALA A 126 -24.94 20.45 2.25
CA ALA A 126 -24.16 19.26 2.54
C ALA A 126 -23.79 19.25 4.03
N LEU A 127 -23.54 18.04 4.51
CA LEU A 127 -23.08 17.83 5.87
C LEU A 127 -21.54 17.75 5.85
N LYS A 128 -20.90 18.57 6.66
CA LYS A 128 -19.46 18.68 6.74
C LYS A 128 -18.89 17.40 7.31
N GLU A 129 -17.59 17.22 7.11
CA GLU A 129 -16.86 16.02 7.48
C GLU A 129 -17.05 15.71 8.96
N ASP A 130 -17.20 16.72 9.83
CA ASP A 130 -17.38 16.41 11.25
C ASP A 130 -18.78 15.89 11.57
N LEU A 131 -19.67 15.86 10.57
CA LEU A 131 -21.02 15.31 10.67
C LEU A 131 -21.81 16.02 11.80
N ARG A 132 -21.51 17.29 12.08
CA ARG A 132 -22.29 17.99 13.11
C ARG A 132 -22.70 19.40 12.69
N SER A 133 -22.38 19.78 11.44
CA SER A 133 -22.68 21.10 10.94
C SER A 133 -22.85 21.10 9.42
N TRP A 134 -23.57 22.12 8.94
CA TRP A 134 -23.94 22.16 7.54
C TRP A 134 -23.18 23.23 6.78
N THR A 135 -22.94 22.94 5.49
CA THR A 135 -22.39 23.88 4.54
C THR A 135 -23.47 24.20 3.52
N ALA A 136 -24.04 25.40 3.63
CA ALA A 136 -24.94 25.96 2.64
C ALA A 136 -24.13 26.55 1.49
N ALA A 137 -24.44 26.11 0.25
CA ALA A 137 -23.76 26.53 -0.97
C ALA A 137 -24.22 27.93 -1.40
N ASP A 138 -25.37 28.38 -0.84
CA ASP A 138 -26.22 29.44 -1.34
C ASP A 138 -26.68 30.27 -0.14
N MET A 139 -27.02 31.53 -0.41
CA MET A 139 -27.90 32.28 0.47
C MET A 139 -29.26 31.54 0.61
N ALA A 140 -29.73 30.93 -0.49
CA ALA A 140 -30.99 30.23 -0.51
C ALA A 140 -30.91 28.97 0.37
N ALA A 141 -29.79 28.23 0.31
CA ALA A 141 -29.66 27.06 1.17
C ALA A 141 -29.73 27.38 2.68
N GLN A 142 -29.44 28.60 3.12
CA GLN A 142 -29.29 28.94 4.53
C GLN A 142 -30.65 28.79 5.23
N THR A 143 -31.73 28.95 4.48
CA THR A 143 -33.06 28.73 5.04
C THR A 143 -33.20 27.26 5.45
N THR A 144 -32.90 26.33 4.50
CA THR A 144 -32.91 24.90 4.73
C THR A 144 -32.06 24.60 5.95
N LYS A 145 -30.83 25.06 5.95
CA LYS A 145 -29.88 24.82 7.04
C LYS A 145 -30.50 25.24 8.37
N HIS A 146 -31.25 26.34 8.39
CA HIS A 146 -31.79 26.76 9.67
C HIS A 146 -32.85 25.78 10.13
N LYS A 147 -33.61 25.18 9.21
CA LYS A 147 -34.69 24.30 9.63
C LYS A 147 -34.13 23.00 10.22
N TRP A 148 -33.08 22.47 9.59
CA TRP A 148 -32.43 21.25 9.99
C TRP A 148 -31.66 21.50 11.29
N GLU A 149 -31.12 22.69 11.49
CA GLU A 149 -30.45 22.94 12.78
C GLU A 149 -31.48 22.87 13.90
N ALA A 150 -32.69 23.35 13.62
CA ALA A 150 -33.72 23.40 14.67
C ALA A 150 -34.27 22.01 14.99
N ALA A 151 -34.33 21.14 13.99
CA ALA A 151 -34.85 19.81 14.24
C ALA A 151 -33.78 18.78 14.59
N HIS A 152 -32.54 19.16 14.89
CA HIS A 152 -31.44 18.25 15.19
C HIS A 152 -31.23 17.16 14.11
N VAL A 153 -31.35 17.48 12.84
CA VAL A 153 -31.16 16.48 11.82
C VAL A 153 -29.74 15.94 11.83
N ALA A 154 -28.76 16.84 11.94
CA ALA A 154 -27.36 16.43 11.97
C ALA A 154 -27.12 15.28 12.94
N GLU A 155 -27.60 15.40 14.18
CA GLU A 155 -27.33 14.39 15.18
C GLU A 155 -27.89 13.01 14.75
N GLN A 156 -29.08 12.95 14.15
CA GLN A 156 -29.65 11.70 13.73
C GLN A 156 -28.91 11.12 12.49
N LEU A 157 -28.43 11.99 11.60
CA LEU A 157 -27.65 11.60 10.46
C LEU A 157 -26.30 11.01 10.91
N ARG A 158 -25.81 11.46 12.08
CA ARG A 158 -24.45 11.09 12.47
C ARG A 158 -24.52 9.67 13.02
N ALA A 159 -25.50 9.54 13.93
CA ALA A 159 -25.83 8.23 14.45
C ALA A 159 -25.97 7.24 13.29
N TYR A 160 -26.64 7.62 12.17
CA TYR A 160 -26.73 6.71 11.04
C TYR A 160 -25.40 6.41 10.38
N LEU A 161 -24.67 7.47 10.01
CA LEU A 161 -23.42 7.38 9.27
C LEU A 161 -22.34 6.66 10.08
N GLU A 162 -22.26 6.89 11.39
CA GLU A 162 -21.21 6.31 12.22
C GLU A 162 -21.59 4.88 12.62
N GLY A 163 -22.91 4.62 12.72
CA GLY A 163 -23.44 3.40 13.32
C GLY A 163 -24.04 2.51 12.25
N THR A 164 -25.33 2.73 12.02
CA THR A 164 -26.16 1.88 11.20
C THR A 164 -25.54 1.67 9.80
N CYS A 165 -24.89 2.70 9.24
CA CYS A 165 -24.31 2.64 7.91
C CYS A 165 -23.25 1.56 7.88
N VAL A 166 -22.33 1.59 8.87
CA VAL A 166 -21.13 0.79 8.79
C VAL A 166 -21.50 -0.64 9.21
N GLU A 167 -22.48 -0.75 10.10
CA GLU A 167 -22.93 -2.05 10.57
C GLU A 167 -23.53 -2.80 9.41
N TRP A 168 -24.37 -2.19 8.63
CA TRP A 168 -24.91 -2.87 7.48
C TRP A 168 -23.90 -3.09 6.33
N LEU A 169 -22.96 -2.17 6.15
CA LEU A 169 -21.90 -2.34 5.16
C LEU A 169 -21.17 -3.66 5.45
N ARG A 170 -20.80 -3.83 6.75
CA ARG A 170 -20.00 -4.98 7.09
C ARG A 170 -20.82 -6.22 6.76
N ARG A 171 -22.12 -6.15 7.11
CA ARG A 171 -23.00 -7.29 6.92
C ARG A 171 -23.13 -7.68 5.44
N TYR A 172 -23.07 -6.70 4.53
CA TYR A 172 -23.17 -7.04 3.12
C TYR A 172 -21.87 -7.69 2.69
N LEU A 173 -20.74 -7.15 3.16
CA LEU A 173 -19.44 -7.69 2.82
C LEU A 173 -19.32 -9.16 3.19
N GLU A 174 -19.90 -9.52 4.36
CA GLU A 174 -19.86 -10.90 4.77
C GLU A 174 -20.72 -11.69 3.82
N ASN A 175 -21.97 -11.24 3.68
CA ASN A 175 -22.96 -12.01 2.93
C ASN A 175 -22.60 -12.15 1.44
N GLY A 176 -21.94 -11.17 0.84
CA GLY A 176 -21.58 -11.31 -0.57
C GLY A 176 -20.07 -11.42 -0.74
N LYS A 177 -19.40 -12.07 0.24
CA LYS A 177 -17.96 -12.28 0.24
C LYS A 177 -17.48 -12.67 -1.18
N GLU A 178 -18.12 -13.65 -1.81
CA GLU A 178 -17.62 -14.22 -3.06
C GLU A 178 -17.68 -13.23 -4.21
N THR A 179 -18.54 -12.23 -4.09
CA THR A 179 -18.68 -11.22 -5.12
C THR A 179 -17.88 -9.98 -4.73
N LEU A 180 -18.14 -9.48 -3.51
CA LEU A 180 -17.69 -8.16 -3.07
C LEU A 180 -16.23 -8.15 -2.65
N GLN A 181 -15.74 -9.27 -2.12
CA GLN A 181 -14.35 -9.25 -1.65
C GLN A 181 -13.40 -9.87 -2.67
N ARG A 182 -13.86 -10.15 -3.89
CA ARG A 182 -12.98 -10.71 -4.91
C ARG A 182 -12.08 -9.63 -5.52
N THR A 183 -10.99 -10.07 -6.17
CA THR A 183 -10.30 -9.15 -7.04
C THR A 183 -10.12 -9.85 -8.36
N ASP A 184 -10.57 -9.22 -9.44
CA ASP A 184 -10.26 -9.72 -10.79
C ASP A 184 -9.27 -8.76 -11.45
N ALA A 185 -7.99 -9.18 -11.58
CA ALA A 185 -6.88 -8.46 -12.19
C ALA A 185 -7.21 -8.14 -13.65
N PRO A 186 -6.78 -7.00 -14.19
CA PRO A 186 -7.03 -6.71 -15.60
C PRO A 186 -6.32 -7.75 -16.46
N LYS A 187 -6.97 -8.05 -17.59
CA LYS A 187 -6.30 -8.73 -18.68
C LYS A 187 -5.75 -7.65 -19.59
N THR A 188 -4.42 -7.68 -19.83
CA THR A 188 -3.72 -6.56 -20.47
C THR A 188 -3.20 -6.96 -21.85
N HIS A 189 -3.34 -6.08 -22.83
CA HIS A 189 -2.57 -6.21 -24.06
C HIS A 189 -2.39 -4.83 -24.69
N MET A 190 -1.46 -4.68 -25.66
CA MET A 190 -1.25 -3.46 -26.42
C MET A 190 -1.60 -3.64 -27.91
N THR A 191 -2.10 -2.55 -28.54
CA THR A 191 -2.32 -2.59 -29.98
C THR A 191 -1.69 -1.39 -30.70
N HIS A 192 -1.52 -1.57 -32.01
CA HIS A 192 -0.74 -0.73 -32.90
C HIS A 192 -1.57 -0.42 -34.15
N HIS A 193 -1.69 0.88 -34.47
CA HIS A 193 -2.41 1.37 -35.64
C HIS A 193 -1.69 2.56 -36.23
N ALA A 194 -1.38 2.43 -37.52
CA ALA A 194 -0.59 3.42 -38.23
C ALA A 194 -1.52 4.54 -38.68
N VAL A 195 -1.19 5.78 -38.29
CA VAL A 195 -1.95 6.99 -38.60
C VAL A 195 -1.44 7.56 -39.93
N SER A 196 -0.12 7.73 -40.04
CA SER A 196 0.51 8.20 -41.25
C SER A 196 1.70 7.29 -41.54
N ASP A 197 2.67 7.77 -42.30
CA ASP A 197 3.94 7.08 -42.44
C ASP A 197 4.87 7.51 -41.29
N HIS A 198 4.46 8.56 -40.56
CA HIS A 198 5.32 9.22 -39.58
C HIS A 198 4.95 8.81 -38.15
N GLU A 199 3.67 8.51 -37.95
CA GLU A 199 3.14 8.44 -36.61
C GLU A 199 2.39 7.13 -36.44
N ALA A 200 2.48 6.56 -35.24
CA ALA A 200 1.67 5.40 -34.89
C ALA A 200 0.92 5.59 -33.55
N THR A 201 -0.28 5.01 -33.43
CA THR A 201 -0.99 5.00 -32.18
C THR A 201 -0.79 3.67 -31.45
N LEU A 202 -0.16 3.74 -30.27
CA LEU A 202 -0.13 2.63 -29.32
C LEU A 202 -1.32 2.77 -28.37
N ARG A 203 -2.00 1.64 -28.11
CA ARG A 203 -3.13 1.63 -27.21
C ARG A 203 -2.99 0.44 -26.25
N CYS A 204 -2.98 0.78 -24.96
CA CYS A 204 -2.77 -0.14 -23.87
C CYS A 204 -4.15 -0.44 -23.25
N TRP A 205 -4.52 -1.71 -23.22
CA TRP A 205 -5.87 -2.13 -22.83
C TRP A 205 -5.87 -2.79 -21.45
N ALA A 206 -6.92 -2.48 -20.68
CA ALA A 206 -7.19 -3.18 -19.43
C ALA A 206 -8.66 -3.60 -19.42
N LEU A 207 -8.90 -4.91 -19.42
CA LEU A 207 -10.27 -5.41 -19.56
C LEU A 207 -10.60 -6.31 -18.34
N SER A 208 -11.91 -6.47 -18.14
CA SER A 208 -12.50 -7.39 -17.19
C SER A 208 -11.90 -7.30 -15.77
N PHE A 209 -11.81 -6.10 -15.24
CA PHE A 209 -11.21 -6.03 -13.91
C PHE A 209 -12.26 -5.63 -12.87
N TYR A 210 -11.97 -5.91 -11.59
CA TYR A 210 -12.79 -5.45 -10.48
C TYR A 210 -11.90 -5.40 -9.25
N PRO A 211 -11.99 -4.37 -8.36
CA PRO A 211 -12.87 -3.19 -8.49
C PRO A 211 -12.53 -2.21 -9.62
N ALA A 212 -13.28 -1.08 -9.66
CA ALA A 212 -13.28 -0.30 -10.88
C ALA A 212 -12.03 0.57 -10.90
N GLU A 213 -11.46 0.78 -9.67
CA GLU A 213 -10.29 1.63 -9.66
C GLU A 213 -9.08 0.95 -10.32
N ILE A 214 -8.25 1.77 -11.01
CA ILE A 214 -7.16 1.29 -11.89
C ILE A 214 -6.38 2.54 -12.33
N THR A 215 -5.06 2.42 -12.55
CA THR A 215 -4.31 3.53 -13.14
C THR A 215 -3.60 3.02 -14.40
N LEU A 216 -3.68 3.77 -15.50
CA LEU A 216 -2.86 3.51 -16.66
C LEU A 216 -2.04 4.74 -16.99
N THR A 217 -0.71 4.57 -17.12
CA THR A 217 0.22 5.65 -17.39
C THR A 217 1.17 5.23 -18.54
N TRP A 218 1.57 6.21 -19.38
CA TRP A 218 2.64 6.00 -20.33
C TRP A 218 3.97 6.56 -19.82
N GLN A 219 5.03 5.78 -20.04
CA GLN A 219 6.40 6.27 -19.91
C GLN A 219 7.08 6.24 -21.29
N ARG A 220 7.97 7.23 -21.53
CA ARG A 220 8.99 7.16 -22.56
C ARG A 220 10.36 7.21 -21.90
N ASP A 221 11.22 6.22 -22.27
CA ASP A 221 12.55 5.97 -21.70
C ASP A 221 12.52 6.10 -20.18
N GLY A 222 11.56 5.44 -19.50
CA GLY A 222 11.48 5.46 -18.05
C GLY A 222 10.98 6.79 -17.47
N GLU A 223 10.67 7.78 -18.31
CA GLU A 223 10.17 9.02 -17.75
C GLU A 223 8.67 9.11 -18.06
N ASP A 224 7.91 9.70 -17.13
CA ASP A 224 6.46 9.84 -17.24
C ASP A 224 6.08 10.62 -18.48
N GLN A 225 5.21 10.05 -19.31
CA GLN A 225 4.90 10.66 -20.59
C GLN A 225 3.41 10.97 -20.61
N THR A 226 3.06 12.23 -20.89
CA THR A 226 1.69 12.70 -20.78
C THR A 226 1.24 13.39 -22.09
N GLN A 227 2.19 14.00 -22.80
CA GLN A 227 1.89 14.72 -24.03
C GLN A 227 1.50 13.73 -25.14
N ASP A 228 0.60 14.14 -26.02
CA ASP A 228 0.12 13.36 -27.16
C ASP A 228 -0.48 12.00 -26.75
N THR A 229 -1.07 11.95 -25.54
CA THR A 229 -1.66 10.73 -25.01
C THR A 229 -3.15 10.95 -24.93
N GLU A 230 -3.91 9.86 -24.72
CA GLU A 230 -5.34 9.93 -24.61
C GLU A 230 -5.85 8.81 -23.69
N LEU A 231 -6.78 9.15 -22.80
CA LEU A 231 -7.18 8.21 -21.75
C LEU A 231 -8.71 8.30 -21.63
N VAL A 232 -9.44 7.20 -21.92
CA VAL A 232 -10.90 7.24 -21.82
C VAL A 232 -11.34 7.04 -20.38
N GLU A 233 -12.57 7.48 -20.07
CA GLU A 233 -13.23 7.20 -18.80
C GLU A 233 -13.55 5.71 -18.63
N THR A 234 -13.35 5.21 -17.40
CA THR A 234 -13.47 3.79 -17.11
C THR A 234 -14.93 3.37 -17.31
N ARG A 235 -15.16 2.25 -18.01
CA ARG A 235 -16.48 2.04 -18.58
C ARG A 235 -16.96 0.64 -18.17
N PRO A 236 -18.26 0.50 -17.83
CA PRO A 236 -18.77 -0.79 -17.37
C PRO A 236 -18.96 -1.79 -18.53
N ALA A 237 -18.51 -3.04 -18.32
CA ALA A 237 -18.53 -4.10 -19.35
C ALA A 237 -19.92 -4.73 -19.47
N GLY A 238 -20.77 -4.59 -18.43
CA GLY A 238 -22.07 -5.25 -18.41
C GLY A 238 -22.14 -6.53 -17.58
N ASP A 239 -21.02 -7.12 -17.16
CA ASP A 239 -21.03 -8.30 -16.29
C ASP A 239 -20.36 -8.05 -14.93
N GLY A 240 -20.38 -6.79 -14.44
CA GLY A 240 -19.78 -6.45 -13.16
C GLY A 240 -18.28 -6.11 -13.19
N THR A 241 -17.62 -6.26 -14.35
CA THR A 241 -16.21 -5.91 -14.48
C THR A 241 -16.10 -4.61 -15.30
N PHE A 242 -14.89 -4.06 -15.34
CA PHE A 242 -14.70 -2.75 -15.96
C PHE A 242 -13.64 -2.77 -17.06
N GLN A 243 -13.59 -1.70 -17.84
CA GLN A 243 -12.65 -1.58 -18.96
C GLN A 243 -12.12 -0.15 -19.01
N LYS A 244 -10.92 0.00 -19.62
CA LYS A 244 -10.27 1.28 -19.80
C LYS A 244 -9.15 1.11 -20.83
N TRP A 245 -8.82 2.19 -21.55
CA TRP A 245 -7.65 2.11 -22.40
C TRP A 245 -6.97 3.47 -22.44
N ALA A 246 -5.65 3.49 -22.66
CA ALA A 246 -4.91 4.73 -22.81
C ALA A 246 -4.18 4.60 -24.15
N ALA A 247 -3.91 5.71 -24.83
CA ALA A 247 -3.25 5.73 -26.14
C ALA A 247 -2.25 6.86 -26.22
N VAL A 248 -1.14 6.59 -26.94
CA VAL A 248 -0.12 7.58 -27.19
C VAL A 248 0.25 7.54 -28.68
N VAL A 249 0.54 8.73 -29.22
CA VAL A 249 1.00 8.90 -30.60
C VAL A 249 2.51 9.15 -30.59
N VAL A 250 3.22 8.24 -31.31
CA VAL A 250 4.67 8.12 -31.29
C VAL A 250 5.20 8.38 -32.71
N PRO A 251 6.48 8.77 -32.89
CA PRO A 251 7.10 8.75 -34.23
C PRO A 251 7.49 7.33 -34.67
N SER A 252 7.21 7.02 -35.94
CA SER A 252 7.64 5.78 -36.60
C SER A 252 9.08 5.42 -36.28
N GLY A 253 9.30 4.14 -36.01
CA GLY A 253 10.59 3.65 -35.54
C GLY A 253 10.87 3.86 -34.05
N GLN A 254 9.99 4.60 -33.33
CA GLN A 254 10.30 4.94 -31.94
C GLN A 254 9.43 4.18 -30.94
N GLU A 255 8.64 3.21 -31.43
CA GLU A 255 7.71 2.44 -30.62
C GLU A 255 8.38 1.90 -29.37
N GLN A 256 9.60 1.33 -29.48
CA GLN A 256 10.20 0.59 -28.39
C GLN A 256 10.55 1.53 -27.24
N ARG A 257 10.57 2.83 -27.46
CA ARG A 257 10.94 3.68 -26.32
C ARG A 257 9.86 3.63 -25.23
N TYR A 258 8.65 3.15 -25.60
CA TYR A 258 7.43 3.51 -24.89
C TYR A 258 6.88 2.33 -24.06
N THR A 259 6.40 2.62 -22.84
CA THR A 259 5.90 1.55 -21.97
C THR A 259 4.55 1.95 -21.38
N CYS A 260 3.67 0.96 -21.27
CA CYS A 260 2.43 1.20 -20.53
C CYS A 260 2.54 0.63 -19.14
N HIS A 261 2.07 1.36 -18.12
CA HIS A 261 2.17 0.88 -16.75
C HIS A 261 0.76 0.78 -16.17
N VAL A 262 0.42 -0.39 -15.57
CA VAL A 262 -0.91 -0.70 -15.08
C VAL A 262 -0.84 -1.04 -13.59
N GLN A 263 -1.53 -0.23 -12.75
CA GLN A 263 -1.62 -0.46 -11.32
C GLN A 263 -3.05 -0.86 -11.01
N HIS A 264 -3.24 -1.92 -10.23
CA HIS A 264 -4.57 -2.37 -9.87
C HIS A 264 -4.50 -3.21 -8.58
N GLU A 265 -5.51 -3.14 -7.73
CA GLU A 265 -5.54 -3.94 -6.51
C GLU A 265 -5.13 -5.39 -6.77
N GLY A 266 -5.34 -5.85 -8.01
CA GLY A 266 -5.19 -7.25 -8.41
C GLY A 266 -3.83 -7.50 -9.04
N LEU A 267 -3.02 -6.46 -9.19
CA LEU A 267 -1.63 -6.60 -9.59
C LEU A 267 -0.70 -6.19 -8.44
N PRO A 268 -0.29 -7.14 -7.57
CA PRO A 268 0.71 -6.86 -6.54
C PRO A 268 1.89 -6.08 -7.11
N LYS A 269 2.52 -6.65 -8.15
CA LYS A 269 3.55 -5.94 -8.90
C LYS A 269 2.86 -5.26 -10.08
N PRO A 270 2.97 -3.92 -10.25
CA PRO A 270 2.47 -3.26 -11.46
C PRO A 270 3.07 -3.84 -12.73
N LEU A 271 2.25 -3.94 -13.79
CA LEU A 271 2.64 -4.48 -15.09
C LEU A 271 3.27 -3.40 -15.97
N THR A 272 4.33 -3.81 -16.67
CA THR A 272 4.95 -3.01 -17.70
C THR A 272 4.73 -3.73 -19.02
N LEU A 273 4.04 -3.08 -19.96
CA LEU A 273 3.90 -3.60 -21.30
C LEU A 273 4.64 -2.71 -22.30
N ARG A 274 5.40 -3.36 -23.21
CA ARG A 274 6.07 -2.79 -24.38
C ARG A 274 5.42 -3.31 -25.65
N TRP A 275 5.82 -2.75 -26.78
CA TRP A 275 5.33 -3.23 -28.06
C TRP A 275 6.36 -4.16 -28.71
N MET B 1 -29.12 26.27 -12.68
CA MET B 1 -29.16 25.35 -13.80
C MET B 1 -27.78 25.27 -14.45
N ILE B 2 -27.17 24.08 -14.41
CA ILE B 2 -25.87 23.78 -15.00
C ILE B 2 -26.10 22.58 -15.89
N GLN B 3 -25.72 22.70 -17.16
CA GLN B 3 -25.85 21.61 -18.11
C GLN B 3 -24.47 21.17 -18.60
N ARG B 4 -24.33 19.88 -18.91
CA ARG B 4 -23.09 19.29 -19.38
C ARG B 4 -23.47 18.27 -20.44
N THR B 5 -22.70 18.22 -21.51
CA THR B 5 -22.99 17.34 -22.62
C THR B 5 -22.33 15.98 -22.33
N PRO B 6 -22.98 14.85 -22.73
CA PRO B 6 -22.50 13.52 -22.35
C PRO B 6 -21.37 13.07 -23.26
N LYS B 7 -20.46 12.26 -22.70
CA LYS B 7 -19.47 11.51 -23.43
C LYS B 7 -20.15 10.23 -23.90
N ILE B 8 -19.59 9.67 -24.98
CA ILE B 8 -20.11 8.48 -25.64
C ILE B 8 -18.96 7.53 -25.93
N GLN B 9 -19.14 6.28 -25.47
CA GLN B 9 -18.27 5.18 -25.84
C GLN B 9 -19.12 4.04 -26.41
N VAL B 10 -18.70 3.50 -27.57
CA VAL B 10 -19.38 2.36 -28.16
C VAL B 10 -18.38 1.21 -28.24
N TYR B 11 -18.76 0.04 -27.72
CA TYR B 11 -17.84 -1.08 -27.56
C TYR B 11 -18.67 -2.31 -27.18
N SER B 12 -18.00 -3.47 -27.17
CA SER B 12 -18.57 -4.78 -26.85
C SER B 12 -18.14 -5.25 -25.45
N ARG B 13 -19.03 -5.99 -24.80
CA ARG B 13 -18.75 -6.58 -23.50
C ARG B 13 -17.47 -7.42 -23.50
N HIS B 14 -17.34 -8.38 -24.46
CA HIS B 14 -16.21 -9.28 -24.59
C HIS B 14 -15.42 -8.96 -25.85
N PRO B 15 -14.19 -9.51 -26.04
CA PRO B 15 -13.51 -9.42 -27.33
C PRO B 15 -14.41 -9.99 -28.43
N ALA B 16 -14.76 -9.13 -29.39
CA ALA B 16 -15.52 -9.54 -30.55
C ALA B 16 -14.79 -10.60 -31.39
N GLU B 17 -15.50 -11.70 -31.64
CA GLU B 17 -15.12 -12.75 -32.58
C GLU B 17 -16.37 -13.08 -33.41
N ASN B 18 -16.26 -13.05 -34.75
CA ASN B 18 -17.43 -13.15 -35.64
C ASN B 18 -18.04 -14.54 -35.54
N GLY B 19 -19.34 -14.58 -35.24
CA GLY B 19 -20.11 -15.80 -34.98
C GLY B 19 -20.15 -16.21 -33.50
N LYS B 20 -19.54 -15.44 -32.59
CA LYS B 20 -19.71 -15.72 -31.18
C LYS B 20 -20.71 -14.73 -30.60
N SER B 21 -21.50 -15.20 -29.63
CA SER B 21 -22.46 -14.33 -28.97
C SER B 21 -21.74 -13.32 -28.06
N ASN B 22 -22.28 -12.10 -28.03
CA ASN B 22 -21.66 -11.01 -27.30
C ASN B 22 -22.71 -10.00 -26.79
N PHE B 23 -22.20 -8.88 -26.26
CA PHE B 23 -23.07 -7.74 -25.98
C PHE B 23 -22.47 -6.47 -26.54
N LEU B 24 -23.33 -5.64 -27.14
CA LEU B 24 -22.94 -4.34 -27.66
C LEU B 24 -23.36 -3.26 -26.67
N ASN B 25 -22.42 -2.38 -26.28
CA ASN B 25 -22.62 -1.39 -25.23
C ASN B 25 -22.56 0.02 -25.84
N CYS B 26 -23.39 0.92 -25.34
CA CYS B 26 -23.17 2.35 -25.48
C CYS B 26 -23.19 3.02 -24.10
N TYR B 27 -22.02 3.50 -23.64
CA TYR B 27 -21.98 4.08 -22.32
C TYR B 27 -22.04 5.58 -22.50
N VAL B 28 -23.05 6.20 -21.88
CA VAL B 28 -23.16 7.65 -21.90
C VAL B 28 -22.99 8.12 -20.45
N SER B 29 -22.17 9.16 -20.27
CA SER B 29 -21.82 9.66 -18.96
C SER B 29 -21.56 11.17 -19.01
N GLY B 30 -21.61 11.80 -17.82
CA GLY B 30 -21.15 13.16 -17.58
C GLY B 30 -22.18 14.15 -18.07
N PHE B 31 -23.41 13.68 -18.21
CA PHE B 31 -24.45 14.58 -18.70
C PHE B 31 -25.31 15.12 -17.55
N HIS B 32 -25.91 16.26 -17.83
CA HIS B 32 -26.97 16.79 -17.00
C HIS B 32 -27.76 17.76 -17.90
N PRO B 33 -29.09 17.84 -17.78
CA PRO B 33 -29.87 16.96 -16.93
C PRO B 33 -30.01 15.50 -17.41
N SER B 34 -30.86 14.74 -16.71
CA SER B 34 -30.77 13.30 -16.78
C SER B 34 -31.42 12.78 -18.06
N ASP B 35 -32.44 13.50 -18.52
CA ASP B 35 -33.14 13.10 -19.70
C ASP B 35 -32.21 12.94 -20.90
N ILE B 36 -32.22 11.78 -21.53
CA ILE B 36 -31.35 11.56 -22.66
C ILE B 36 -32.08 10.55 -23.54
N GLU B 37 -31.65 10.49 -24.82
CA GLU B 37 -32.21 9.53 -25.77
C GLU B 37 -31.06 8.76 -26.39
N VAL B 38 -31.05 7.43 -26.18
CA VAL B 38 -29.97 6.57 -26.64
C VAL B 38 -30.64 5.46 -27.45
N ASP B 39 -30.06 5.19 -28.64
CA ASP B 39 -30.50 4.09 -29.49
C ASP B 39 -29.30 3.42 -30.14
N LEU B 40 -29.27 2.08 -30.08
CA LEU B 40 -28.29 1.30 -30.82
C LEU B 40 -28.79 1.02 -32.24
N LEU B 41 -27.89 1.00 -33.20
CA LEU B 41 -28.26 0.86 -34.60
C LEU B 41 -27.46 -0.26 -35.23
N LYS B 42 -28.14 -1.01 -36.10
CA LYS B 42 -27.52 -2.02 -36.97
C LYS B 42 -27.69 -1.54 -38.41
N ASN B 43 -26.57 -1.30 -39.09
CA ASN B 43 -26.60 -0.76 -40.44
C ASN B 43 -27.65 0.35 -40.55
N GLY B 44 -27.73 1.20 -39.54
CA GLY B 44 -28.53 2.41 -39.63
C GLY B 44 -29.96 2.28 -39.09
N GLU B 45 -30.38 1.07 -38.72
CA GLU B 45 -31.74 0.88 -38.24
C GLU B 45 -31.72 0.54 -36.74
N ARG B 46 -32.76 0.99 -36.04
CA ARG B 46 -32.93 0.87 -34.59
C ARG B 46 -33.14 -0.57 -34.14
N ILE B 47 -32.32 -1.02 -33.18
CA ILE B 47 -32.51 -2.30 -32.50
C ILE B 47 -33.68 -2.16 -31.53
N GLU B 48 -34.42 -3.25 -31.40
CA GLU B 48 -35.72 -3.24 -30.75
C GLU B 48 -35.51 -3.55 -29.28
N LYS B 49 -34.81 -4.66 -29.01
CA LYS B 49 -34.66 -5.14 -27.65
C LYS B 49 -33.38 -4.54 -27.03
N VAL B 50 -33.56 -3.47 -26.25
CA VAL B 50 -32.43 -2.71 -25.71
C VAL B 50 -32.72 -2.40 -24.25
N GLU B 51 -31.90 -2.88 -23.33
CA GLU B 51 -32.10 -2.57 -21.92
C GLU B 51 -31.11 -1.48 -21.50
N HIS B 52 -31.32 -0.92 -20.32
CA HIS B 52 -30.35 0.03 -19.79
C HIS B 52 -30.24 0.01 -18.26
N SER B 53 -29.16 0.54 -17.75
CA SER B 53 -28.92 0.53 -16.32
C SER B 53 -29.90 1.45 -15.60
N ASP B 54 -29.97 1.34 -14.28
CA ASP B 54 -30.75 2.28 -13.44
C ASP B 54 -29.96 3.58 -13.23
N LEU B 55 -30.61 4.72 -13.43
CA LEU B 55 -29.98 6.02 -13.37
C LEU B 55 -29.14 6.19 -12.11
N SER B 56 -27.84 6.52 -12.30
CA SER B 56 -27.02 6.94 -11.19
C SER B 56 -26.19 8.16 -11.64
N PHE B 57 -25.33 8.66 -10.73
CA PHE B 57 -24.57 9.86 -11.03
C PHE B 57 -23.26 9.84 -10.25
N SER B 58 -22.37 10.82 -10.55
CA SER B 58 -20.98 10.87 -10.16
C SER B 58 -20.84 11.88 -9.03
N LYS B 59 -19.63 11.99 -8.48
CA LYS B 59 -19.32 13.05 -7.53
C LYS B 59 -19.58 14.41 -8.21
N ASP B 60 -19.55 14.44 -9.54
CA ASP B 60 -19.91 15.56 -10.39
C ASP B 60 -21.34 16.03 -10.14
N TRP B 61 -22.20 15.11 -9.72
CA TRP B 61 -23.64 15.19 -9.89
C TRP B 61 -24.05 14.88 -11.34
N SER B 62 -23.10 14.63 -12.24
CA SER B 62 -23.54 14.31 -13.59
C SER B 62 -23.88 12.83 -13.68
N PHE B 63 -24.83 12.51 -14.57
CA PHE B 63 -25.43 11.17 -14.68
C PHE B 63 -24.68 10.28 -15.67
N TYR B 64 -24.96 8.96 -15.56
CA TYR B 64 -24.44 7.97 -16.48
C TYR B 64 -25.45 6.83 -16.58
N LEU B 65 -25.45 6.19 -17.77
CA LEU B 65 -26.31 5.07 -18.11
C LEU B 65 -25.62 4.15 -19.11
N LEU B 66 -25.89 2.85 -18.92
CA LEU B 66 -25.38 1.89 -19.87
C LEU B 66 -26.56 1.31 -20.63
N TYR B 67 -26.53 1.50 -21.97
CA TYR B 67 -27.44 0.83 -22.89
C TYR B 67 -26.69 -0.31 -23.57
N TYR B 68 -27.39 -1.46 -23.65
CA TYR B 68 -26.77 -2.70 -24.06
C TYR B 68 -27.82 -3.63 -24.66
N THR B 69 -27.33 -4.53 -25.53
CA THR B 69 -28.14 -5.53 -26.23
C THR B 69 -27.26 -6.69 -26.68
N GLU B 70 -27.89 -7.86 -26.79
CA GLU B 70 -27.24 -9.05 -27.29
C GLU B 70 -27.06 -8.93 -28.80
N PHE B 71 -25.97 -9.52 -29.29
CA PHE B 71 -25.72 -9.53 -30.72
C PHE B 71 -24.62 -10.53 -31.03
N THR B 72 -24.62 -10.98 -32.29
CA THR B 72 -23.55 -11.79 -32.83
C THR B 72 -22.95 -10.99 -33.97
N PRO B 73 -21.73 -10.45 -33.81
CA PRO B 73 -21.07 -9.71 -34.89
C PRO B 73 -20.82 -10.55 -36.18
N THR B 74 -20.89 -9.85 -37.33
CA THR B 74 -20.55 -10.43 -38.62
C THR B 74 -19.41 -9.63 -39.27
N GLU B 75 -18.98 -10.09 -40.45
CA GLU B 75 -17.99 -9.40 -41.27
C GLU B 75 -18.57 -8.14 -41.92
N LYS B 76 -19.89 -8.10 -42.18
CA LYS B 76 -20.47 -7.02 -42.97
C LYS B 76 -21.32 -6.03 -42.14
N ASP B 77 -21.74 -6.44 -40.93
CA ASP B 77 -22.63 -5.60 -40.14
C ASP B 77 -21.91 -4.51 -39.35
N GLU B 78 -22.35 -3.26 -39.52
CA GLU B 78 -21.78 -2.14 -38.80
C GLU B 78 -22.76 -1.66 -37.74
N TYR B 79 -22.23 -1.29 -36.56
CA TYR B 79 -23.10 -0.91 -35.47
C TYR B 79 -22.78 0.52 -35.08
N ALA B 80 -23.77 1.18 -34.49
CA ALA B 80 -23.63 2.57 -34.04
C ALA B 80 -24.57 2.91 -32.88
N CYS B 81 -24.32 4.04 -32.21
CA CYS B 81 -25.15 4.48 -31.08
C CYS B 81 -25.57 5.93 -31.38
N ARG B 82 -26.85 6.21 -31.12
CA ARG B 82 -27.46 7.48 -31.45
C ARG B 82 -28.00 8.17 -30.19
N VAL B 83 -27.44 9.36 -29.94
CA VAL B 83 -27.66 9.97 -28.65
C VAL B 83 -28.27 11.35 -28.94
N ASN B 84 -29.20 11.77 -28.07
CA ASN B 84 -29.76 13.10 -28.17
C ASN B 84 -30.10 13.69 -26.80
N HIS B 85 -29.81 14.98 -26.63
CA HIS B 85 -29.71 15.60 -25.31
C HIS B 85 -29.81 17.09 -25.58
N VAL B 86 -30.41 17.82 -24.63
CA VAL B 86 -30.66 19.27 -24.69
C VAL B 86 -29.37 20.02 -24.97
N THR B 87 -28.20 19.42 -24.67
CA THR B 87 -26.96 20.15 -24.93
C THR B 87 -26.53 20.02 -26.39
N LEU B 88 -27.21 19.19 -27.18
CA LEU B 88 -26.72 18.88 -28.52
C LEU B 88 -27.48 19.70 -29.56
N SER B 89 -26.80 20.18 -30.60
CA SER B 89 -27.47 20.89 -31.69
C SER B 89 -28.31 19.89 -32.49
N GLN B 90 -27.71 18.74 -32.77
CA GLN B 90 -28.35 17.63 -33.48
C GLN B 90 -27.91 16.37 -32.74
N PRO B 91 -28.72 15.29 -32.79
CA PRO B 91 -28.28 13.99 -32.29
C PRO B 91 -26.92 13.59 -32.88
N LYS B 92 -26.07 13.05 -31.99
CA LYS B 92 -24.74 12.55 -32.31
C LYS B 92 -24.83 11.05 -32.57
N ILE B 93 -24.08 10.59 -33.58
CA ILE B 93 -23.96 9.19 -33.94
C ILE B 93 -22.51 8.76 -33.77
N VAL B 94 -22.29 7.69 -33.00
CA VAL B 94 -20.95 7.17 -32.79
C VAL B 94 -20.91 5.74 -33.30
N LYS B 95 -20.05 5.48 -34.30
CA LYS B 95 -19.93 4.16 -34.91
C LYS B 95 -19.10 3.28 -34.00
N TRP B 96 -19.41 1.98 -33.95
CA TRP B 96 -18.58 1.00 -33.26
C TRP B 96 -17.33 0.68 -34.08
N ASP B 97 -16.16 0.49 -33.41
CA ASP B 97 -14.87 0.18 -34.00
C ASP B 97 -14.16 -0.90 -33.20
N ARG B 98 -13.93 -2.04 -33.85
CA ARG B 98 -13.35 -3.22 -33.22
C ARG B 98 -11.95 -2.93 -32.68
N GLY C 2 13.91 -11.40 -6.08
CA GLY C 2 13.39 -12.47 -5.18
C GLY C 2 12.53 -11.83 -4.09
N SER C 3 12.73 -12.22 -2.82
CA SER C 3 11.85 -11.82 -1.72
C SER C 3 12.20 -10.44 -1.19
N HIS C 4 11.24 -9.82 -0.50
CA HIS C 4 11.43 -8.49 0.06
C HIS C 4 10.77 -8.37 1.43
N SER C 5 11.28 -7.44 2.23
CA SER C 5 10.67 -7.16 3.52
C SER C 5 10.79 -5.66 3.81
N MET C 6 9.89 -5.15 4.64
CA MET C 6 10.04 -3.89 5.32
C MET C 6 9.97 -4.13 6.82
N ARG C 7 10.91 -3.53 7.59
CA ARG C 7 11.04 -3.84 9.00
C ARG C 7 11.29 -2.55 9.73
N TYR C 8 10.79 -2.41 10.95
CA TYR C 8 11.12 -1.24 11.75
C TYR C 8 11.64 -1.67 13.10
N PHE C 9 12.68 -1.02 13.60
CA PHE C 9 13.30 -1.42 14.85
C PHE C 9 13.24 -0.26 15.86
N PHE C 10 12.85 -0.53 17.11
CA PHE C 10 12.73 0.57 18.06
C PHE C 10 13.41 0.16 19.36
N THR C 11 14.28 1.02 19.87
CA THR C 11 14.95 0.75 21.13
C THR C 11 14.77 1.92 22.09
N SER C 12 14.36 1.65 23.32
CA SER C 12 14.33 2.75 24.27
C SER C 12 14.98 2.31 25.58
N VAL C 13 15.88 3.12 26.10
CA VAL C 13 16.71 2.79 27.26
C VAL C 13 16.51 3.83 28.37
N SER C 14 16.04 3.40 29.54
CA SER C 14 15.91 4.37 30.62
C SER C 14 17.26 4.66 31.27
N ARG C 15 17.43 5.88 31.77
CA ARG C 15 18.68 6.27 32.42
C ARG C 15 18.39 7.01 33.72
N PRO C 16 18.31 6.31 34.88
CA PRO C 16 17.88 6.93 36.13
C PRO C 16 18.77 8.09 36.52
N GLY C 17 18.15 9.20 36.96
CA GLY C 17 18.86 10.41 37.35
C GLY C 17 19.35 11.28 36.19
N ARG C 18 19.48 10.71 34.97
CA ARG C 18 19.89 11.46 33.79
C ARG C 18 18.70 11.76 32.90
N GLY C 19 17.52 11.92 33.53
CA GLY C 19 16.30 12.40 32.88
C GLY C 19 15.64 11.35 31.99
N GLU C 20 15.26 11.77 30.76
CA GLU C 20 14.38 11.05 29.85
C GLU C 20 15.10 9.84 29.26
N PRO C 21 14.37 8.81 28.79
CA PRO C 21 15.02 7.64 28.21
C PRO C 21 15.50 7.92 26.79
N ARG C 22 16.68 7.39 26.45
CA ARG C 22 17.19 7.47 25.08
C ARG C 22 16.33 6.60 24.17
N PHE C 23 15.97 7.16 23.03
CA PHE C 23 15.06 6.54 22.06
C PHE C 23 15.65 6.62 20.66
N ILE C 24 15.80 5.47 19.99
CA ILE C 24 16.40 5.39 18.66
C ILE C 24 15.48 4.50 17.85
N ALA C 25 15.09 4.97 16.67
CA ALA C 25 14.28 4.15 15.77
C ALA C 25 14.94 4.06 14.40
N VAL C 26 14.85 2.90 13.75
CA VAL C 26 15.40 2.81 12.41
C VAL C 26 14.45 1.99 11.56
N GLY C 27 14.32 2.32 10.27
CA GLY C 27 13.51 1.55 9.33
C GLY C 27 14.41 0.91 8.27
N TYR C 28 14.12 -0.35 7.84
CA TYR C 28 14.82 -0.94 6.70
C TYR C 28 13.83 -1.43 5.67
N VAL C 29 14.25 -1.51 4.41
CA VAL C 29 13.67 -2.32 3.37
C VAL C 29 14.75 -3.31 2.94
N ASP C 30 14.47 -4.61 3.06
CA ASP C 30 15.50 -5.62 2.96
C ASP C 30 16.68 -5.24 3.85
N ASP C 31 17.88 -5.18 3.25
CA ASP C 31 19.08 -4.83 4.01
C ASP C 31 19.59 -3.43 3.71
N THR C 32 18.71 -2.47 3.37
CA THR C 32 19.04 -1.05 3.19
C THR C 32 18.26 -0.18 4.19
N GLN C 33 18.94 0.47 5.14
CA GLN C 33 18.25 1.40 6.05
C GLN C 33 17.80 2.59 5.22
N PHE C 34 16.61 3.15 5.50
CA PHE C 34 16.15 4.33 4.79
C PHE C 34 15.59 5.42 5.71
N VAL C 35 15.35 5.20 7.01
CA VAL C 35 14.95 6.29 7.89
C VAL C 35 15.57 6.10 9.27
N ARG C 36 15.60 7.13 10.13
CA ARG C 36 16.11 6.98 11.48
C ARG C 36 15.47 8.04 12.36
N PHE C 37 15.59 7.90 13.68
CA PHE C 37 15.17 8.93 14.60
C PHE C 37 15.91 8.72 15.90
N ASP C 38 16.45 9.81 16.45
CA ASP C 38 17.27 9.78 17.65
C ASP C 38 16.72 10.85 18.60
N SER C 39 16.18 10.41 19.74
CA SER C 39 15.74 11.35 20.76
C SER C 39 16.90 12.22 21.27
N ASP C 40 18.15 11.80 21.09
CA ASP C 40 19.25 12.65 21.52
C ASP C 40 19.74 13.58 20.40
N ALA C 41 19.22 13.43 19.19
CA ALA C 41 19.68 14.20 18.04
C ALA C 41 19.04 15.59 18.09
N ALA C 42 19.61 16.55 17.34
CA ALA C 42 19.17 17.94 17.49
C ALA C 42 17.84 18.14 16.80
N SER C 43 17.71 17.60 15.56
CA SER C 43 16.61 17.86 14.63
C SER C 43 15.26 17.48 15.23
N GLN C 44 15.20 16.36 15.96
CA GLN C 44 13.97 15.85 16.57
C GLN C 44 12.93 15.53 15.50
N ARG C 45 13.43 15.06 14.35
CA ARG C 45 12.57 14.71 13.23
C ARG C 45 13.05 13.41 12.63
N MET C 46 12.20 12.82 11.79
CA MET C 46 12.53 11.56 11.14
C MET C 46 13.32 11.88 9.88
N GLU C 47 14.59 11.48 9.86
CA GLU C 47 15.56 11.91 8.87
C GLU C 47 15.75 10.81 7.83
N PRO C 48 15.98 11.16 6.56
CA PRO C 48 16.25 10.16 5.53
C PRO C 48 17.65 9.57 5.60
N ARG C 49 17.80 8.26 5.36
CA ARG C 49 19.12 7.67 5.33
C ARG C 49 19.35 6.91 4.04
N ALA C 50 18.51 7.14 3.04
CA ALA C 50 18.71 6.50 1.76
C ALA C 50 18.11 7.44 0.72
N PRO C 51 18.69 7.49 -0.50
CA PRO C 51 18.37 8.54 -1.46
C PRO C 51 16.95 8.47 -2.06
N TRP C 52 16.39 7.25 -2.20
CA TRP C 52 15.06 7.12 -2.78
C TRP C 52 13.93 7.68 -1.91
N ILE C 53 14.12 7.75 -0.57
CA ILE C 53 13.10 8.25 0.33
C ILE C 53 13.02 9.77 0.31
N GLU C 54 14.07 10.43 -0.19
CA GLU C 54 14.15 11.88 -0.12
C GLU C 54 13.11 12.55 -1.02
N GLN C 55 12.56 11.80 -1.99
CA GLN C 55 11.57 12.35 -2.90
C GLN C 55 10.19 12.43 -2.23
N GLU C 56 10.08 11.95 -0.98
CA GLU C 56 8.83 12.04 -0.24
C GLU C 56 8.57 13.48 0.19
N GLY C 57 7.32 13.92 0.01
CA GLY C 57 6.88 15.29 0.30
C GLY C 57 6.77 15.61 1.79
N PRO C 58 6.43 16.86 2.15
CA PRO C 58 6.36 17.30 3.55
C PRO C 58 5.37 16.60 4.47
N GLU C 59 4.17 16.29 3.96
CA GLU C 59 3.20 15.53 4.74
C GLU C 59 3.74 14.14 5.16
N TYR C 60 4.52 13.49 4.30
CA TYR C 60 5.15 12.24 4.67
C TYR C 60 6.02 12.45 5.91
N TRP C 61 6.91 13.45 5.85
CA TRP C 61 7.89 13.66 6.91
C TRP C 61 7.26 14.14 8.23
N ASP C 62 6.10 14.78 8.15
CA ASP C 62 5.47 15.26 9.37
C ASP C 62 4.68 14.10 9.96
N GLY C 63 4.10 13.30 9.04
CA GLY C 63 3.39 12.07 9.42
C GLY C 63 4.31 11.13 10.19
N GLU C 64 5.47 10.84 9.60
CA GLU C 64 6.42 9.88 10.15
C GLU C 64 7.01 10.45 11.44
N THR C 65 7.24 11.77 11.47
CA THR C 65 7.71 12.41 12.70
C THR C 65 6.68 12.24 13.82
N ARG C 66 5.42 12.50 13.49
CA ARG C 66 4.33 12.48 14.44
C ARG C 66 4.24 11.10 15.10
N LYS C 67 4.20 10.04 14.26
CA LYS C 67 4.08 8.67 14.74
C LYS C 67 5.26 8.25 15.61
N VAL C 68 6.50 8.54 15.14
CA VAL C 68 7.68 8.13 15.85
C VAL C 68 7.77 8.72 17.25
N LYS C 69 7.26 9.94 17.45
CA LYS C 69 7.27 10.54 18.79
C LYS C 69 6.26 9.81 19.64
N ALA C 70 5.15 9.41 19.00
CA ALA C 70 4.13 8.68 19.73
C ALA C 70 4.64 7.30 20.16
N HIS C 71 5.36 6.61 19.28
CA HIS C 71 5.98 5.36 19.65
C HIS C 71 6.85 5.60 20.87
N SER C 72 7.66 6.65 20.87
CA SER C 72 8.55 7.01 21.97
C SER C 72 7.75 7.18 23.28
N GLN C 73 6.63 7.86 23.18
CA GLN C 73 5.95 8.31 24.36
C GLN C 73 5.42 7.06 25.05
N THR C 74 4.85 6.18 24.22
CA THR C 74 4.30 4.92 24.68
C THR C 74 5.38 4.09 25.37
N HIS C 75 6.61 4.08 24.84
CA HIS C 75 7.66 3.30 25.48
C HIS C 75 8.13 3.93 26.80
N ARG C 76 7.99 5.24 26.90
CA ARG C 76 8.38 5.93 28.12
C ARG C 76 7.42 5.48 29.22
N VAL C 77 6.17 5.27 28.85
CA VAL C 77 5.18 4.88 29.82
C VAL C 77 5.40 3.40 30.14
N ASP C 78 5.75 2.61 29.10
CA ASP C 78 5.97 1.18 29.25
C ASP C 78 7.10 0.94 30.24
N LEU C 79 8.22 1.65 30.07
CA LEU C 79 9.36 1.54 30.99
C LEU C 79 8.89 1.70 32.43
N GLY C 80 8.02 2.68 32.74
CA GLY C 80 7.42 2.78 34.05
C GLY C 80 6.62 1.53 34.39
N THR C 81 5.68 1.19 33.48
CA THR C 81 4.74 0.09 33.67
C THR C 81 5.45 -1.25 33.92
N LEU C 82 6.58 -1.49 33.25
CA LEU C 82 7.28 -2.75 33.36
C LEU C 82 8.08 -2.84 34.66
N ARG C 83 8.68 -1.73 35.12
CA ARG C 83 9.36 -1.68 36.42
C ARG C 83 8.41 -2.13 37.53
N GLY C 84 7.11 -1.79 37.39
CA GLY C 84 6.04 -2.22 38.27
C GLY C 84 5.68 -3.70 38.17
N TYR C 85 5.46 -4.20 36.94
CA TYR C 85 5.11 -5.59 36.71
C TYR C 85 6.16 -6.58 37.25
N TYR C 86 7.44 -6.19 37.20
CA TYR C 86 8.54 -7.01 37.69
C TYR C 86 9.12 -6.49 39.00
N ASN C 87 8.36 -5.67 39.76
CA ASN C 87 8.72 -5.27 41.10
C ASN C 87 10.21 -4.95 41.20
N GLN C 88 10.71 -4.17 40.23
CA GLN C 88 12.09 -3.68 40.21
C GLN C 88 12.17 -2.28 40.80
N SER C 89 13.38 -1.95 41.30
CA SER C 89 13.70 -0.64 41.84
C SER C 89 13.74 0.39 40.71
N GLU C 90 13.57 1.66 41.07
CA GLU C 90 13.64 2.72 40.09
C GLU C 90 15.11 3.09 39.86
N ALA C 91 16.06 2.27 40.34
CA ALA C 91 17.48 2.61 40.32
C ALA C 91 18.27 1.98 39.16
N GLY C 92 17.82 0.84 38.60
CA GLY C 92 18.55 0.20 37.51
C GLY C 92 18.20 0.74 36.12
N SER C 93 19.09 0.52 35.17
CA SER C 93 18.82 0.85 33.78
C SER C 93 18.01 -0.26 33.13
N HIS C 94 16.97 0.06 32.34
CA HIS C 94 16.25 -1.01 31.65
C HIS C 94 16.05 -0.67 30.18
N THR C 95 15.66 -1.68 29.39
CA THR C 95 15.58 -1.50 27.93
C THR C 95 14.35 -2.19 27.37
N VAL C 96 13.57 -1.44 26.61
CA VAL C 96 12.50 -2.07 25.87
C VAL C 96 12.80 -2.00 24.37
N GLN C 97 12.43 -3.05 23.64
CA GLN C 97 12.60 -3.06 22.19
C GLN C 97 11.30 -3.51 21.55
N ARG C 98 11.00 -2.97 20.37
CA ARG C 98 9.83 -3.36 19.61
C ARG C 98 10.27 -3.52 18.16
N MET C 99 9.67 -4.46 17.47
CA MET C 99 10.05 -4.68 16.08
C MET C 99 8.78 -5.06 15.32
N TYR C 100 8.56 -4.53 14.12
CA TYR C 100 7.45 -5.09 13.36
C TYR C 100 7.66 -4.98 11.86
N GLY C 101 6.88 -5.73 11.07
CA GLY C 101 6.84 -5.37 9.67
C GLY C 101 6.26 -6.48 8.79
N CYS C 102 6.59 -6.48 7.49
CA CYS C 102 5.92 -7.36 6.55
C CYS C 102 6.89 -7.95 5.51
N ASP C 103 6.56 -9.14 5.03
CA ASP C 103 7.41 -9.76 4.05
C ASP C 103 6.56 -10.02 2.81
N VAL C 104 7.16 -9.98 1.63
CA VAL C 104 6.41 -10.30 0.44
C VAL C 104 7.34 -11.12 -0.43
N GLY C 105 6.75 -11.78 -1.43
CA GLY C 105 7.52 -12.73 -2.21
C GLY C 105 8.03 -12.12 -3.50
N SER C 106 8.65 -12.93 -4.38
CA SER C 106 9.12 -12.50 -5.69
C SER C 106 8.02 -11.89 -6.56
N ASP C 107 6.78 -12.37 -6.42
CA ASP C 107 5.63 -11.78 -7.09
C ASP C 107 5.08 -10.55 -6.34
N TRP C 108 5.71 -10.19 -5.20
CA TRP C 108 5.36 -9.03 -4.39
C TRP C 108 4.08 -9.26 -3.61
N ARG C 109 3.66 -10.52 -3.39
CA ARG C 109 2.47 -10.85 -2.61
C ARG C 109 2.82 -11.06 -1.14
N PHE C 110 1.85 -10.78 -0.27
CA PHE C 110 2.02 -10.85 1.17
C PHE C 110 2.37 -12.28 1.57
N LEU C 111 3.33 -12.41 2.48
CA LEU C 111 3.71 -13.73 2.97
C LEU C 111 3.43 -13.76 4.47
N ARG C 112 3.85 -12.72 5.22
CA ARG C 112 3.91 -12.82 6.66
C ARG C 112 4.08 -11.41 7.20
N GLY C 113 3.62 -11.20 8.41
CA GLY C 113 3.78 -9.96 9.13
C GLY C 113 4.15 -10.38 10.53
N TYR C 114 4.64 -9.45 11.34
CA TYR C 114 5.11 -9.84 12.67
C TYR C 114 5.08 -8.61 13.55
N HIS C 115 5.16 -8.78 14.86
CA HIS C 115 5.13 -7.62 15.74
C HIS C 115 5.47 -8.11 17.14
N GLN C 116 6.59 -7.69 17.72
CA GLN C 116 7.13 -8.36 18.89
C GLN C 116 7.84 -7.36 19.79
N TYR C 117 8.00 -7.74 21.05
CA TYR C 117 8.43 -6.84 22.09
C TYR C 117 9.33 -7.64 23.01
N ALA C 118 10.45 -7.05 23.45
CA ALA C 118 11.37 -7.63 24.42
C ALA C 118 11.56 -6.66 25.59
N TYR C 119 11.80 -7.18 26.80
CA TYR C 119 12.29 -6.39 27.91
C TYR C 119 13.62 -6.94 28.39
N ASP C 120 14.63 -6.10 28.56
CA ASP C 120 15.91 -6.48 29.18
C ASP C 120 16.52 -7.74 28.54
N GLY C 121 16.43 -7.81 27.20
CA GLY C 121 17.12 -8.76 26.34
C GLY C 121 16.45 -10.12 26.16
N LYS C 122 15.13 -10.20 26.29
CA LYS C 122 14.39 -11.45 26.31
C LYS C 122 12.96 -11.16 25.83
N ASP C 123 12.29 -12.16 25.23
CA ASP C 123 10.93 -11.90 24.77
C ASP C 123 10.03 -11.44 25.92
N TYR C 124 9.07 -10.55 25.59
CA TYR C 124 7.98 -10.14 26.48
C TYR C 124 6.62 -10.55 25.89
N ILE C 125 6.18 -9.91 24.81
CA ILE C 125 4.97 -10.36 24.14
C ILE C 125 5.14 -10.27 22.62
N ALA C 126 4.41 -11.05 21.84
CA ALA C 126 4.56 -11.02 20.40
C ALA C 126 3.27 -11.41 19.72
N LEU C 127 3.05 -10.99 18.47
CA LEU C 127 1.83 -11.31 17.75
C LEU C 127 2.01 -12.59 16.93
N LYS C 128 1.05 -13.51 17.01
CA LYS C 128 1.19 -14.84 16.46
C LYS C 128 1.09 -14.75 14.95
N GLU C 129 1.55 -15.79 14.26
CA GLU C 129 1.59 -15.72 12.81
C GLU C 129 0.21 -15.47 12.22
N ASP C 130 -0.86 -15.87 12.91
CA ASP C 130 -2.20 -15.67 12.36
C ASP C 130 -2.63 -14.19 12.43
N LEU C 131 -1.85 -13.41 13.19
CA LEU C 131 -2.08 -11.99 13.42
C LEU C 131 -3.43 -11.74 14.11
N ARG C 132 -3.92 -12.74 14.88
CA ARG C 132 -5.16 -12.58 15.61
C ARG C 132 -4.98 -12.88 17.10
N SER C 133 -3.80 -13.33 17.52
CA SER C 133 -3.60 -13.76 18.90
C SER C 133 -2.23 -13.34 19.39
N TRP C 134 -2.05 -13.33 20.72
CA TRP C 134 -0.78 -13.03 21.36
C TRP C 134 -0.20 -14.28 22.02
N THR C 135 1.13 -14.38 22.04
CA THR C 135 1.81 -15.32 22.90
C THR C 135 2.56 -14.47 23.90
N ALA C 136 2.22 -14.62 25.18
CA ALA C 136 2.86 -13.87 26.23
C ALA C 136 4.04 -14.73 26.65
N ALA C 137 5.19 -14.14 26.98
CA ALA C 137 6.35 -14.95 27.34
C ALA C 137 6.37 -15.18 28.85
N ASP C 138 5.62 -14.35 29.58
CA ASP C 138 5.86 -14.20 30.99
C ASP C 138 4.49 -14.27 31.65
N MET C 139 4.49 -14.75 32.90
CA MET C 139 3.39 -14.52 33.83
C MET C 139 3.03 -13.03 33.84
N ALA C 140 4.03 -12.16 34.07
CA ALA C 140 3.80 -10.73 34.04
C ALA C 140 3.26 -10.25 32.69
N ALA C 141 3.62 -10.94 31.59
CA ALA C 141 3.31 -10.50 30.24
C ALA C 141 1.86 -10.76 29.82
N GLN C 142 1.17 -11.73 30.43
CA GLN C 142 -0.26 -11.86 30.18
C GLN C 142 -1.09 -10.66 30.69
N THR C 143 -0.58 -9.88 31.68
CA THR C 143 -1.32 -8.72 32.15
C THR C 143 -1.57 -7.86 30.93
N THR C 144 -0.46 -7.57 30.22
CA THR C 144 -0.45 -6.82 28.97
C THR C 144 -1.36 -7.47 27.94
N LYS C 145 -1.25 -8.79 27.79
CA LYS C 145 -2.03 -9.49 26.78
C LYS C 145 -3.54 -9.22 26.99
N HIS C 146 -3.98 -9.22 28.26
CA HIS C 146 -5.41 -9.06 28.54
C HIS C 146 -5.86 -7.68 28.12
N LYS C 147 -5.05 -6.66 28.44
CA LYS C 147 -5.40 -5.29 28.06
C LYS C 147 -5.46 -5.20 26.53
N TRP C 148 -4.55 -5.90 25.87
CA TRP C 148 -4.42 -5.84 24.41
C TRP C 148 -5.54 -6.61 23.72
N GLU C 149 -5.88 -7.76 24.28
CA GLU C 149 -7.10 -8.44 23.86
C GLU C 149 -8.35 -7.60 24.13
N ALA C 150 -8.37 -6.80 25.22
CA ALA C 150 -9.57 -6.05 25.55
C ALA C 150 -9.81 -4.95 24.50
N ALA C 151 -8.72 -4.28 24.07
CA ALA C 151 -8.86 -3.16 23.15
C ALA C 151 -8.69 -3.57 21.67
N HIS C 152 -8.60 -4.88 21.37
CA HIS C 152 -8.62 -5.42 20.01
C HIS C 152 -7.47 -4.90 19.16
N VAL C 153 -6.33 -4.67 19.79
CA VAL C 153 -5.15 -4.15 19.12
C VAL C 153 -4.85 -5.03 17.90
N ALA C 154 -5.03 -6.35 18.05
CA ALA C 154 -4.70 -7.36 17.04
C ALA C 154 -5.38 -7.05 15.72
N GLU C 155 -6.59 -6.49 15.80
CA GLU C 155 -7.37 -6.32 14.60
C GLU C 155 -6.77 -5.16 13.84
N GLN C 156 -6.37 -4.13 14.61
CA GLN C 156 -5.76 -2.96 14.02
C GLN C 156 -4.43 -3.35 13.37
N LEU C 157 -3.61 -4.10 14.11
CA LEU C 157 -2.26 -4.42 13.66
C LEU C 157 -2.29 -5.25 12.38
N ARG C 158 -3.25 -6.15 12.31
CA ARG C 158 -3.41 -7.01 11.13
C ARG C 158 -3.72 -6.18 9.89
N ALA C 159 -4.55 -5.15 10.07
CA ALA C 159 -4.91 -4.26 8.96
C ALA C 159 -3.66 -3.59 8.40
N TYR C 160 -2.86 -3.01 9.31
CA TYR C 160 -1.60 -2.41 8.90
C TYR C 160 -0.71 -3.42 8.19
N LEU C 161 -0.51 -4.59 8.81
CA LEU C 161 0.48 -5.57 8.40
C LEU C 161 0.10 -6.15 7.03
N GLU C 162 -1.20 -6.29 6.77
CA GLU C 162 -1.61 -7.01 5.57
C GLU C 162 -1.91 -5.99 4.48
N GLY C 163 -2.08 -4.73 4.93
CA GLY C 163 -2.44 -3.67 4.01
C GLY C 163 -1.33 -2.64 3.82
N THR C 164 -1.36 -1.59 4.67
CA THR C 164 -0.51 -0.42 4.56
C THR C 164 0.95 -0.85 4.43
N CYS C 165 1.44 -1.68 5.35
CA CYS C 165 2.81 -2.12 5.30
C CYS C 165 3.18 -2.61 3.88
N VAL C 166 2.34 -3.47 3.30
CA VAL C 166 2.72 -4.18 2.10
C VAL C 166 2.65 -3.24 0.92
N GLU C 167 1.80 -2.22 1.06
CA GLU C 167 1.56 -1.26 -0.02
C GLU C 167 2.68 -0.20 -0.10
N TRP C 168 3.10 0.30 1.05
CA TRP C 168 4.28 1.16 1.05
C TRP C 168 5.59 0.42 0.69
N LEU C 169 5.76 -0.84 1.18
CA LEU C 169 6.94 -1.59 0.80
C LEU C 169 6.99 -1.61 -0.72
N ARG C 170 5.85 -1.91 -1.35
CA ARG C 170 5.87 -2.11 -2.79
C ARG C 170 6.16 -0.79 -3.48
N ARG C 171 5.87 0.30 -2.82
CA ARG C 171 6.08 1.59 -3.43
C ARG C 171 7.55 2.03 -3.25
N TYR C 172 8.13 1.74 -2.06
CA TYR C 172 9.56 1.90 -1.90
C TYR C 172 10.30 1.14 -3.01
N LEU C 173 9.86 -0.05 -3.34
CA LEU C 173 10.65 -0.97 -4.16
C LEU C 173 10.71 -0.39 -5.55
N GLU C 174 9.62 0.29 -5.93
CA GLU C 174 9.57 0.92 -7.24
C GLU C 174 10.38 2.21 -7.23
N ASN C 175 10.19 2.99 -6.14
CA ASN C 175 10.87 4.27 -6.03
C ASN C 175 12.38 4.08 -5.91
N GLY C 176 12.82 3.05 -5.17
CA GLY C 176 14.24 2.72 -5.07
C GLY C 176 14.63 1.58 -6.02
N LYS C 177 14.10 1.59 -7.23
CA LYS C 177 14.23 0.49 -8.18
C LYS C 177 15.69 0.13 -8.43
N GLU C 178 16.54 1.15 -8.59
CA GLU C 178 17.94 0.99 -8.96
C GLU C 178 18.77 0.48 -7.79
N THR C 179 18.41 0.82 -6.54
CA THR C 179 19.09 0.36 -5.34
C THR C 179 18.51 -0.98 -4.87
N LEU C 180 17.18 -1.06 -4.66
CA LEU C 180 16.64 -2.11 -3.80
C LEU C 180 16.35 -3.36 -4.59
N GLN C 181 16.21 -3.22 -5.91
CA GLN C 181 15.95 -4.38 -6.75
C GLN C 181 17.16 -4.84 -7.56
N ARG C 182 18.39 -4.34 -7.29
CA ARG C 182 19.63 -4.84 -7.88
C ARG C 182 20.10 -6.10 -7.16
N THR C 183 20.86 -6.93 -7.85
CA THR C 183 21.65 -7.96 -7.19
C THR C 183 23.10 -7.78 -7.60
N ASP C 184 23.95 -7.61 -6.58
CA ASP C 184 25.39 -7.57 -6.82
C ASP C 184 25.94 -8.93 -6.40
N ALA C 185 26.37 -9.72 -7.40
CA ALA C 185 26.95 -11.05 -7.17
C ALA C 185 28.25 -10.89 -6.39
N PRO C 186 28.63 -11.83 -5.48
CA PRO C 186 29.92 -11.75 -4.79
C PRO C 186 31.06 -11.89 -5.79
N LYS C 187 32.12 -11.10 -5.56
CA LYS C 187 33.42 -11.36 -6.17
C LYS C 187 34.11 -12.38 -5.27
N THR C 188 34.61 -13.48 -5.88
CA THR C 188 35.06 -14.60 -5.07
C THR C 188 36.52 -14.95 -5.35
N HIS C 189 37.27 -15.38 -4.33
CA HIS C 189 38.65 -15.81 -4.52
C HIS C 189 39.04 -16.67 -3.33
N MET C 190 40.11 -17.48 -3.50
CA MET C 190 40.64 -18.33 -2.42
C MET C 190 42.08 -17.91 -2.12
N THR C 191 42.48 -18.03 -0.86
CA THR C 191 43.83 -17.75 -0.39
C THR C 191 44.32 -18.96 0.38
N HIS C 192 45.62 -19.01 0.62
CA HIS C 192 46.22 -20.18 1.23
C HIS C 192 47.23 -19.67 2.25
N HIS C 193 47.16 -20.23 3.47
CA HIS C 193 48.11 -19.85 4.51
C HIS C 193 48.49 -21.13 5.25
N ALA C 194 49.79 -21.46 5.28
CA ALA C 194 50.25 -22.56 6.09
C ALA C 194 50.13 -22.27 7.59
N VAL C 195 49.83 -23.31 8.40
CA VAL C 195 49.83 -23.18 9.86
C VAL C 195 51.06 -23.89 10.46
N SER C 196 51.44 -25.01 9.84
CA SER C 196 52.62 -25.80 10.14
C SER C 196 53.03 -26.49 8.84
N ASP C 197 53.94 -27.48 8.93
CA ASP C 197 54.40 -28.19 7.75
C ASP C 197 53.47 -29.36 7.43
N HIS C 198 52.40 -29.51 8.23
CA HIS C 198 51.47 -30.63 8.17
C HIS C 198 50.09 -30.16 7.72
N GLU C 199 49.71 -28.93 8.03
CA GLU C 199 48.36 -28.41 7.78
C GLU C 199 48.46 -27.15 6.90
N ALA C 200 47.35 -26.72 6.32
CA ALA C 200 47.25 -25.39 5.76
C ALA C 200 45.80 -24.98 5.84
N THR C 201 45.58 -23.67 5.82
CA THR C 201 44.24 -23.11 5.91
C THR C 201 43.83 -22.67 4.50
N LEU C 202 42.73 -23.17 3.97
CA LEU C 202 42.17 -22.52 2.78
C LEU C 202 41.02 -21.62 3.19
N ARG C 203 41.04 -20.39 2.65
CA ARG C 203 40.00 -19.40 2.94
C ARG C 203 39.28 -19.06 1.62
N CYS C 204 37.96 -19.09 1.64
CA CYS C 204 37.11 -18.78 0.51
C CYS C 204 36.36 -17.47 0.76
N TRP C 205 36.54 -16.48 -0.12
CA TRP C 205 36.18 -15.07 0.01
C TRP C 205 34.98 -14.74 -0.90
N ALA C 206 33.97 -14.10 -0.26
CA ALA C 206 32.88 -13.48 -0.96
C ALA C 206 32.78 -11.99 -0.59
N LEU C 207 33.02 -11.16 -1.62
CA LEU C 207 33.16 -9.74 -1.49
C LEU C 207 32.12 -9.02 -2.35
N SER C 208 31.70 -7.83 -1.84
CA SER C 208 30.95 -6.79 -2.56
C SER C 208 29.59 -7.27 -3.04
N PHE C 209 28.99 -8.22 -2.34
CA PHE C 209 27.69 -8.69 -2.77
C PHE C 209 26.51 -7.96 -2.11
N TYR C 210 25.37 -7.94 -2.83
CA TYR C 210 24.05 -7.52 -2.31
C TYR C 210 22.94 -8.34 -2.99
N PRO C 211 21.88 -8.88 -2.30
CA PRO C 211 21.59 -8.78 -0.85
C PRO C 211 22.48 -9.59 0.07
N ALA C 212 22.37 -9.34 1.40
CA ALA C 212 23.26 -9.94 2.39
C ALA C 212 23.20 -11.50 2.41
N GLU C 213 22.03 -12.05 2.05
CA GLU C 213 21.82 -13.50 2.08
C GLU C 213 22.79 -14.17 1.10
N ILE C 214 23.53 -15.18 1.59
CA ILE C 214 24.53 -15.91 0.84
C ILE C 214 24.80 -17.22 1.57
N THR C 215 25.30 -18.23 0.86
CA THR C 215 25.74 -19.50 1.49
C THR C 215 27.14 -19.89 1.00
N LEU C 216 28.05 -20.20 1.92
CA LEU C 216 29.40 -20.70 1.68
C LEU C 216 29.47 -22.00 2.41
N THR C 217 29.92 -23.04 1.64
CA THR C 217 30.10 -24.38 2.18
C THR C 217 31.28 -25.11 1.53
N TRP C 218 31.90 -25.95 2.33
CA TRP C 218 33.07 -26.67 1.90
C TRP C 218 32.65 -28.11 1.70
N GLN C 219 33.24 -28.72 0.67
CA GLN C 219 33.13 -30.15 0.50
C GLN C 219 34.52 -30.79 0.43
N ARG C 220 34.58 -32.05 0.85
CA ARG C 220 35.78 -32.85 0.74
C ARG C 220 35.41 -34.06 -0.11
N ASP C 221 36.05 -34.19 -1.29
CA ASP C 221 35.79 -35.25 -2.27
C ASP C 221 34.30 -35.36 -2.56
N GLY C 222 33.64 -34.23 -2.77
CA GLY C 222 32.22 -34.28 -3.04
C GLY C 222 31.29 -34.37 -1.82
N GLU C 223 31.83 -34.30 -0.61
CA GLU C 223 31.02 -34.57 0.57
C GLU C 223 31.14 -33.40 1.53
N ASP C 224 29.99 -32.98 2.01
CA ASP C 224 29.90 -31.91 3.00
C ASP C 224 30.97 -32.02 4.08
N GLN C 225 31.70 -30.93 4.29
CA GLN C 225 32.73 -30.91 5.31
C GLN C 225 32.37 -29.80 6.29
N THR C 226 32.23 -30.16 7.55
CA THR C 226 31.86 -29.18 8.56
C THR C 226 32.94 -29.09 9.65
N GLN C 227 33.64 -30.20 9.89
CA GLN C 227 34.68 -30.33 10.91
C GLN C 227 35.91 -29.57 10.43
N ASP C 228 36.56 -28.81 11.34
CA ASP C 228 37.78 -28.04 11.06
C ASP C 228 37.50 -26.80 10.20
N THR C 229 36.27 -26.31 10.27
CA THR C 229 35.92 -25.15 9.45
C THR C 229 35.50 -24.04 10.40
N GLU C 230 35.50 -22.85 9.84
CA GLU C 230 35.14 -21.65 10.58
C GLU C 230 34.47 -20.72 9.56
N LEU C 231 33.41 -20.05 10.00
CA LEU C 231 32.54 -19.24 9.18
C LEU C 231 32.19 -17.99 9.98
N VAL C 232 32.70 -16.83 9.52
CA VAL C 232 32.37 -15.52 10.08
C VAL C 232 30.97 -15.08 9.68
N GLU C 233 30.29 -14.46 10.65
CA GLU C 233 29.06 -13.75 10.39
C GLU C 233 29.22 -12.83 9.18
N THR C 234 28.15 -12.67 8.43
CA THR C 234 28.16 -11.76 7.31
C THR C 234 28.27 -10.31 7.78
N ARG C 235 29.12 -9.52 7.13
CA ARG C 235 29.55 -8.25 7.65
C ARG C 235 29.30 -7.15 6.62
N PRO C 236 28.86 -5.95 7.06
CA PRO C 236 28.69 -4.84 6.10
C PRO C 236 30.00 -4.15 5.76
N ALA C 237 30.25 -3.98 4.43
CA ALA C 237 31.39 -3.27 3.90
C ALA C 237 31.36 -1.76 4.20
N GLY C 238 30.15 -1.17 4.31
CA GLY C 238 30.00 0.25 4.57
C GLY C 238 29.57 1.02 3.31
N ASP C 239 29.67 0.39 2.15
CA ASP C 239 29.19 1.06 0.94
C ASP C 239 27.91 0.43 0.44
N GLY C 240 27.05 -0.10 1.32
CA GLY C 240 25.83 -0.77 0.86
C GLY C 240 26.00 -2.26 0.46
N THR C 241 27.22 -2.83 0.50
CA THR C 241 27.39 -4.25 0.22
C THR C 241 27.90 -4.99 1.47
N PHE C 242 27.95 -6.34 1.34
CA PHE C 242 28.35 -7.20 2.44
C PHE C 242 29.52 -8.08 2.01
N GLN C 243 30.12 -8.77 2.99
CA GLN C 243 31.33 -9.56 2.91
C GLN C 243 31.11 -10.77 3.81
N LYS C 244 31.80 -11.86 3.42
CA LYS C 244 31.87 -13.11 4.12
C LYS C 244 33.09 -13.91 3.65
N TRP C 245 33.57 -14.80 4.54
CA TRP C 245 34.50 -15.88 4.21
C TRP C 245 34.18 -17.12 5.04
N ALA C 246 34.70 -18.24 4.55
CA ALA C 246 34.68 -19.54 5.20
C ALA C 246 36.06 -20.14 4.97
N ALA C 247 36.53 -20.96 5.90
CA ALA C 247 37.89 -21.46 6.02
C ALA C 247 37.81 -22.89 6.49
N VAL C 248 38.69 -23.73 5.91
CA VAL C 248 38.88 -25.08 6.41
C VAL C 248 40.38 -25.32 6.54
N VAL C 249 40.79 -26.00 7.62
CA VAL C 249 42.15 -26.46 7.85
C VAL C 249 42.34 -27.86 7.24
N VAL C 250 43.30 -28.01 6.32
CA VAL C 250 43.47 -29.25 5.56
C VAL C 250 44.87 -29.86 5.71
N PRO C 251 45.03 -31.19 5.65
CA PRO C 251 46.38 -31.78 5.68
C PRO C 251 47.18 -31.37 4.44
N SER C 252 48.44 -31.06 4.70
CA SER C 252 49.34 -30.63 3.67
C SER C 252 49.40 -31.75 2.61
N GLY C 253 49.46 -31.36 1.35
CA GLY C 253 49.46 -32.32 0.26
C GLY C 253 48.05 -32.72 -0.15
N GLN C 254 47.03 -32.31 0.65
CA GLN C 254 45.68 -32.76 0.32
C GLN C 254 44.81 -31.68 -0.33
N GLU C 255 45.39 -30.51 -0.63
CA GLU C 255 44.61 -29.31 -0.94
C GLU C 255 43.60 -29.62 -2.02
N GLN C 256 43.95 -30.53 -2.97
CA GLN C 256 43.15 -30.71 -4.18
C GLN C 256 41.85 -31.44 -3.85
N ARG C 257 41.69 -31.91 -2.61
CA ARG C 257 40.49 -32.67 -2.30
C ARG C 257 39.32 -31.72 -2.04
N TYR C 258 39.58 -30.42 -1.90
CA TYR C 258 38.57 -29.58 -1.23
C TYR C 258 37.90 -28.72 -2.29
N THR C 259 36.61 -28.37 -2.07
CA THR C 259 35.94 -27.38 -2.88
C THR C 259 35.03 -26.48 -2.04
N CYS C 260 34.93 -25.22 -2.51
CA CYS C 260 34.21 -24.15 -1.86
C CYS C 260 33.03 -23.85 -2.77
N HIS C 261 31.86 -23.71 -2.17
CA HIS C 261 30.59 -23.60 -2.87
C HIS C 261 29.86 -22.33 -2.50
N VAL C 262 29.54 -21.59 -3.56
CA VAL C 262 29.01 -20.27 -3.32
C VAL C 262 27.60 -20.18 -3.90
N GLN C 263 26.62 -19.97 -3.03
CA GLN C 263 25.26 -19.70 -3.45
C GLN C 263 24.85 -18.27 -3.10
N HIS C 264 24.41 -17.53 -4.14
CA HIS C 264 23.91 -16.17 -3.99
C HIS C 264 22.86 -15.90 -5.07
N GLU C 265 21.83 -15.14 -4.68
CA GLU C 265 20.78 -14.77 -5.61
C GLU C 265 21.34 -14.11 -6.89
N GLY C 266 22.50 -13.43 -6.80
CA GLY C 266 23.07 -12.78 -7.95
C GLY C 266 23.79 -13.77 -8.87
N LEU C 267 24.02 -15.02 -8.40
CA LEU C 267 24.78 -15.95 -9.21
C LEU C 267 23.78 -16.76 -10.01
N PRO C 268 23.81 -16.74 -11.36
CA PRO C 268 22.99 -17.64 -12.17
C PRO C 268 23.22 -19.15 -11.97
N LYS C 269 24.47 -19.60 -11.88
CA LYS C 269 24.78 -20.94 -11.37
C LYS C 269 25.56 -20.74 -10.08
N PRO C 270 25.53 -21.67 -9.11
CA PRO C 270 26.35 -21.54 -7.89
C PRO C 270 27.78 -21.85 -8.31
N LEU C 271 28.72 -21.20 -7.60
CA LEU C 271 30.14 -21.28 -7.90
C LEU C 271 30.77 -22.45 -7.17
N THR C 272 31.82 -23.01 -7.76
CA THR C 272 32.65 -23.98 -7.06
C THR C 272 34.08 -23.50 -7.30
N LEU C 273 34.83 -23.24 -6.22
CA LEU C 273 36.23 -22.81 -6.28
C LEU C 273 37.14 -23.94 -5.74
N ARG C 274 38.24 -24.15 -6.42
CA ARG C 274 39.25 -25.09 -5.95
C ARG C 274 40.53 -24.28 -5.76
N TRP C 275 41.42 -24.73 -4.87
CA TRP C 275 42.82 -24.34 -4.86
C TRP C 275 43.59 -24.87 -6.09
N GLU C 276 43.44 -26.14 -6.44
CA GLU C 276 44.35 -26.86 -7.32
C GLU C 276 43.61 -28.12 -7.86
N MET D 1 16.69 -10.31 32.83
CA MET D 1 17.96 -9.58 32.46
C MET D 1 18.91 -10.53 31.69
N ILE D 2 18.93 -10.38 30.37
CA ILE D 2 19.84 -11.21 29.57
C ILE D 2 20.99 -10.35 29.05
N GLN D 3 22.25 -10.68 29.43
CA GLN D 3 23.40 -10.01 28.85
C GLN D 3 24.02 -10.90 27.77
N ARG D 4 24.69 -10.30 26.78
CA ARG D 4 25.49 -11.06 25.80
C ARG D 4 26.70 -10.24 25.35
N THR D 5 27.86 -10.92 25.25
CA THR D 5 29.13 -10.24 25.04
C THR D 5 29.31 -10.07 23.52
N PRO D 6 29.89 -8.92 23.07
CA PRO D 6 29.87 -8.58 21.66
C PRO D 6 30.83 -9.41 20.81
N LYS D 7 30.40 -9.68 19.57
CA LYS D 7 31.37 -10.12 18.56
C LYS D 7 31.99 -8.89 17.92
N ILE D 8 33.25 -9.07 17.49
CA ILE D 8 34.13 -8.05 16.94
C ILE D 8 34.77 -8.61 15.66
N GLN D 9 34.65 -7.85 14.57
CA GLN D 9 35.50 -8.09 13.43
C GLN D 9 36.01 -6.73 12.97
N VAL D 10 37.30 -6.66 12.69
CA VAL D 10 37.95 -5.47 12.19
C VAL D 10 38.46 -5.84 10.80
N TYR D 11 38.19 -4.98 9.83
CA TYR D 11 38.55 -5.31 8.48
C TYR D 11 38.35 -4.04 7.65
N SER D 12 38.85 -4.05 6.40
CA SER D 12 38.78 -2.88 5.54
C SER D 12 37.57 -3.00 4.60
N ARG D 13 37.09 -1.87 4.14
CA ARG D 13 36.00 -1.88 3.19
C ARG D 13 36.44 -2.49 1.84
N HIS D 14 37.63 -2.16 1.38
CA HIS D 14 38.08 -2.66 0.10
C HIS D 14 39.32 -3.52 0.37
N PRO D 15 39.78 -4.28 -0.67
CA PRO D 15 41.04 -5.03 -0.58
C PRO D 15 42.21 -4.10 -0.26
N ALA D 16 42.93 -4.39 0.85
CA ALA D 16 43.95 -3.51 1.41
C ALA D 16 45.10 -3.40 0.40
N GLU D 17 45.56 -2.16 0.17
CA GLU D 17 46.72 -1.87 -0.66
C GLU D 17 47.57 -0.76 -0.03
N ASN D 18 48.78 -1.08 0.40
CA ASN D 18 49.57 -0.12 1.15
C ASN D 18 49.65 1.14 0.32
N GLY D 19 49.33 2.27 0.94
CA GLY D 19 49.46 3.56 0.25
C GLY D 19 48.20 4.02 -0.49
N LYS D 20 47.13 3.21 -0.50
CA LYS D 20 45.84 3.62 -1.03
C LYS D 20 44.77 3.94 0.06
N SER D 21 44.08 5.07 -0.06
CA SER D 21 42.99 5.44 0.87
C SER D 21 41.89 4.38 0.93
N ASN D 22 41.40 4.03 2.13
CA ASN D 22 40.41 2.98 2.29
C ASN D 22 39.51 3.40 3.45
N PHE D 23 38.69 2.41 3.96
CA PHE D 23 37.96 2.62 5.20
C PHE D 23 38.18 1.46 6.16
N LEU D 24 38.47 1.79 7.44
CA LEU D 24 38.69 0.82 8.49
C LEU D 24 37.34 0.65 9.15
N ASN D 25 36.88 -0.61 9.25
CA ASN D 25 35.64 -0.98 9.92
C ASN D 25 35.95 -1.84 11.13
N CYS D 26 35.15 -1.61 12.18
CA CYS D 26 35.03 -2.50 13.31
C CYS D 26 33.53 -2.77 13.44
N TYR D 27 33.12 -4.02 13.13
CA TYR D 27 31.72 -4.44 13.26
C TYR D 27 31.45 -5.11 14.61
N VAL D 28 30.61 -4.52 15.48
CA VAL D 28 30.29 -5.13 16.77
C VAL D 28 28.86 -5.65 16.67
N SER D 29 28.64 -6.92 17.04
CA SER D 29 27.34 -7.55 16.94
C SER D 29 27.13 -8.52 18.10
N GLY D 30 25.86 -9.00 18.23
CA GLY D 30 25.45 -9.97 19.25
C GLY D 30 25.63 -9.53 20.73
N PHE D 31 25.60 -8.22 21.06
CA PHE D 31 25.70 -7.81 22.46
C PHE D 31 24.35 -7.39 23.05
N HIS D 32 24.36 -7.26 24.37
CA HIS D 32 23.25 -6.62 25.04
C HIS D 32 23.74 -6.42 26.46
N PRO D 33 23.43 -5.33 27.18
CA PRO D 33 22.65 -4.20 26.67
C PRO D 33 23.35 -3.33 25.62
N SER D 34 22.70 -2.23 25.20
CA SER D 34 23.15 -1.42 24.08
C SER D 34 24.38 -0.54 24.33
N ASP D 35 24.52 0.09 25.52
CA ASP D 35 25.68 0.85 26.00
C ASP D 35 26.99 0.14 25.58
N ILE D 36 27.82 0.78 24.74
CA ILE D 36 29.10 0.21 24.33
C ILE D 36 30.10 1.33 24.03
N GLU D 37 31.40 1.11 24.31
CA GLU D 37 32.46 2.03 23.91
C GLU D 37 33.26 1.35 22.79
N VAL D 38 33.31 1.92 21.59
CA VAL D 38 34.13 1.34 20.52
C VAL D 38 35.12 2.39 20.01
N ASP D 39 36.43 2.08 20.01
CA ASP D 39 37.47 3.00 19.54
C ASP D 39 38.28 2.32 18.44
N LEU D 40 38.65 3.10 17.44
CA LEU D 40 39.64 2.58 16.49
C LEU D 40 41.03 3.15 16.77
N LEU D 41 42.09 2.34 16.59
CA LEU D 41 43.40 2.80 17.03
C LEU D 41 44.39 2.72 15.86
N LYS D 42 45.21 3.76 15.75
CA LYS D 42 46.34 3.67 14.84
C LYS D 42 47.60 3.78 15.70
N ASN D 43 48.45 2.73 15.63
CA ASN D 43 49.62 2.64 16.49
C ASN D 43 49.27 2.95 17.95
N GLY D 44 48.14 2.39 18.43
CA GLY D 44 47.80 2.43 19.85
C GLY D 44 47.15 3.72 20.34
N GLU D 45 46.89 4.68 19.46
CA GLU D 45 46.26 5.92 19.95
C GLU D 45 44.90 6.11 19.27
N ARG D 46 43.93 6.65 20.03
CA ARG D 46 42.57 6.84 19.58
C ARG D 46 42.50 7.71 18.33
N ILE D 47 41.84 7.22 17.26
CA ILE D 47 41.41 7.99 16.09
C ILE D 47 40.19 8.85 16.45
N GLU D 48 40.14 10.11 15.99
CA GLU D 48 39.19 11.07 16.55
C GLU D 48 37.91 11.13 15.69
N LYS D 49 38.11 11.19 14.38
CA LYS D 49 36.97 11.36 13.49
C LYS D 49 36.44 9.97 13.12
N VAL D 50 35.62 9.41 14.00
CA VAL D 50 35.11 8.04 13.88
C VAL D 50 33.58 8.05 13.96
N GLU D 51 32.97 7.55 12.87
CA GLU D 51 31.52 7.51 12.74
C GLU D 51 30.98 6.10 12.99
N HIS D 52 29.68 6.00 13.26
CA HIS D 52 29.07 4.72 13.56
C HIS D 52 27.63 4.71 13.07
N SER D 53 27.20 3.57 12.51
CA SER D 53 25.81 3.42 12.09
C SER D 53 24.85 3.70 13.25
N ASP D 54 23.55 3.69 12.92
CA ASP D 54 22.44 3.84 13.85
C ASP D 54 22.16 2.48 14.50
N LEU D 55 22.01 2.50 15.83
CA LEU D 55 21.68 1.33 16.61
C LEU D 55 20.54 0.53 15.96
N SER D 56 20.80 -0.77 15.78
CA SER D 56 19.74 -1.67 15.35
C SER D 56 20.03 -3.05 15.91
N PHE D 57 19.11 -3.99 15.73
CA PHE D 57 19.26 -5.27 16.41
C PHE D 57 18.76 -6.42 15.54
N SER D 58 19.10 -7.65 15.94
CA SER D 58 18.74 -8.84 15.17
C SER D 58 17.57 -9.57 15.82
N LYS D 59 17.19 -10.70 15.20
CA LYS D 59 16.12 -11.56 15.72
C LYS D 59 16.46 -12.01 17.13
N ASP D 60 17.75 -11.99 17.46
CA ASP D 60 18.31 -12.27 18.77
C ASP D 60 17.74 -11.29 19.82
N TRP D 61 17.29 -10.11 19.38
CA TRP D 61 17.23 -8.87 20.18
C TRP D 61 18.60 -8.25 20.43
N SER D 62 19.67 -8.91 19.95
CA SER D 62 21.03 -8.45 20.27
C SER D 62 21.42 -7.38 19.27
N PHE D 63 22.17 -6.37 19.72
CA PHE D 63 22.42 -5.16 18.95
C PHE D 63 23.62 -5.35 18.03
N TYR D 64 23.70 -4.49 17.03
CA TYR D 64 24.89 -4.51 16.23
C TYR D 64 25.14 -3.08 15.80
N LEU D 65 26.42 -2.70 15.66
CA LEU D 65 26.88 -1.38 15.23
C LEU D 65 28.08 -1.56 14.30
N LEU D 66 28.27 -0.62 13.35
CA LEU D 66 29.49 -0.52 12.55
C LEU D 66 30.20 0.79 12.83
N TYR D 67 31.46 0.70 13.21
CA TYR D 67 32.36 1.81 13.46
C TYR D 67 33.33 1.81 12.27
N TYR D 68 33.54 3.03 11.73
CA TYR D 68 34.24 3.22 10.47
C TYR D 68 34.90 4.60 10.40
N THR D 69 36.06 4.64 9.72
CA THR D 69 36.82 5.86 9.52
C THR D 69 37.60 5.66 8.23
N GLU D 70 37.98 6.75 7.58
CA GLU D 70 39.03 6.70 6.57
C GLU D 70 40.35 6.31 7.24
N PHE D 71 41.22 5.63 6.49
CA PHE D 71 42.61 5.38 6.79
C PHE D 71 43.31 4.92 5.51
N THR D 72 44.65 4.95 5.50
CA THR D 72 45.57 4.52 4.47
C THR D 72 46.53 3.50 5.07
N PRO D 73 46.34 2.22 4.78
CA PRO D 73 47.22 1.20 5.32
C PRO D 73 48.63 1.23 4.70
N THR D 74 49.66 1.09 5.56
CA THR D 74 51.07 1.09 5.20
C THR D 74 51.72 -0.19 5.72
N GLU D 75 53.03 -0.36 5.50
CA GLU D 75 53.69 -1.59 5.91
C GLU D 75 54.02 -1.49 7.39
N LYS D 76 54.13 -0.27 7.93
CA LYS D 76 54.68 -0.09 9.26
C LYS D 76 53.58 0.25 10.27
N ASP D 77 52.38 0.54 9.78
CA ASP D 77 51.32 1.06 10.63
C ASP D 77 50.48 -0.08 11.20
N GLU D 78 50.13 -0.02 12.48
CA GLU D 78 49.29 -1.06 13.03
C GLU D 78 47.97 -0.44 13.47
N TYR D 79 46.86 -1.15 13.19
CA TYR D 79 45.51 -0.71 13.45
C TYR D 79 44.78 -1.79 14.23
N ALA D 80 43.83 -1.34 15.05
CA ALA D 80 43.15 -2.23 15.96
C ALA D 80 41.82 -1.62 16.42
N CYS D 81 40.89 -2.46 16.91
CA CYS D 81 39.63 -2.00 17.49
C CYS D 81 39.57 -2.31 19.01
N ARG D 82 39.19 -1.32 19.83
CA ARG D 82 39.08 -1.53 21.25
C ARG D 82 37.60 -1.45 21.59
N VAL D 83 37.05 -2.46 22.28
CA VAL D 83 35.65 -2.51 22.69
C VAL D 83 35.59 -2.73 24.20
N ASN D 84 34.67 -2.04 24.87
CA ASN D 84 34.34 -2.23 26.28
C ASN D 84 32.82 -2.32 26.43
N HIS D 85 32.37 -3.24 27.28
CA HIS D 85 30.96 -3.54 27.49
C HIS D 85 30.79 -4.07 28.91
N VAL D 86 29.58 -4.00 29.46
CA VAL D 86 29.38 -4.43 30.83
C VAL D 86 29.79 -5.91 31.04
N THR D 87 29.74 -6.72 29.97
CA THR D 87 30.01 -8.15 30.04
C THR D 87 31.51 -8.45 29.94
N LEU D 88 32.35 -7.40 29.90
CA LEU D 88 33.81 -7.56 29.88
C LEU D 88 34.44 -7.07 31.20
N SER D 89 35.47 -7.77 31.69
CA SER D 89 36.21 -7.37 32.88
C SER D 89 37.22 -6.29 32.51
N GLN D 90 37.79 -6.42 31.30
CA GLN D 90 38.70 -5.44 30.73
C GLN D 90 38.42 -5.22 29.24
N PRO D 91 38.63 -3.99 28.72
CA PRO D 91 38.45 -3.75 27.27
C PRO D 91 39.18 -4.74 26.36
N LYS D 92 38.43 -5.30 25.38
CA LYS D 92 38.98 -6.26 24.44
C LYS D 92 39.62 -5.58 23.22
N ILE D 93 40.84 -5.97 22.89
CA ILE D 93 41.48 -5.37 21.73
C ILE D 93 41.55 -6.40 20.60
N VAL D 94 41.23 -5.99 19.38
CA VAL D 94 41.33 -6.86 18.23
C VAL D 94 42.10 -6.12 17.16
N LYS D 95 43.27 -6.66 16.83
CA LYS D 95 44.19 -6.10 15.84
C LYS D 95 43.65 -6.33 14.42
N TRP D 96 43.94 -5.37 13.55
CA TRP D 96 43.54 -5.52 12.16
C TRP D 96 44.48 -6.47 11.43
N ASP D 97 43.90 -7.45 10.74
CA ASP D 97 44.71 -8.40 9.99
C ASP D 97 44.20 -8.46 8.56
N ARG D 98 45.03 -8.08 7.59
CA ARG D 98 44.54 -8.00 6.21
C ARG D 98 44.03 -9.34 5.67
N ASP D 99 44.50 -10.46 6.23
CA ASP D 99 44.08 -11.79 5.80
C ASP D 99 42.87 -12.31 6.61
N MET D 100 42.78 -11.82 7.87
CA MET D 100 41.83 -12.31 8.87
C MET D 100 42.19 -13.73 9.30
N HIS E 1 -29.02 -0.49 3.38
CA HIS E 1 -29.97 -0.01 4.45
C HIS E 1 -30.00 1.51 4.45
N MET E 2 -31.15 2.06 4.08
CA MET E 2 -31.31 3.51 4.04
C MET E 2 -31.60 4.06 5.43
N THR E 3 -31.37 5.35 5.53
CA THR E 3 -31.52 6.10 6.75
C THR E 3 -33.01 6.37 6.93
N GLU E 4 -33.36 6.77 8.17
CA GLU E 4 -34.72 7.12 8.54
C GLU E 4 -34.99 8.61 8.36
N VAL E 5 -33.93 9.44 8.29
CA VAL E 5 -33.99 10.88 8.07
C VAL E 5 -34.50 11.27 6.66
N VAL E 6 -35.60 12.03 6.63
CA VAL E 6 -36.22 12.47 5.39
C VAL E 6 -36.88 13.84 5.64
N ARG E 7 -36.18 14.77 6.29
CA ARG E 7 -36.77 16.04 6.63
C ARG E 7 -36.80 16.92 5.39
N HIS E 8 -37.86 17.71 5.25
CA HIS E 8 -38.09 18.63 4.16
C HIS E 8 -37.03 19.72 4.09
N CYS E 9 -36.56 20.01 2.87
CA CYS E 9 -35.61 21.11 2.87
C CYS E 9 -36.28 22.40 2.39
N HIS F 1 6.82 3.56 6.07
CA HIS F 1 5.53 4.07 6.64
C HIS F 1 5.21 3.33 7.92
N MET F 2 5.42 3.99 9.07
CA MET F 2 5.11 3.39 10.36
C MET F 2 3.61 3.17 10.54
N THR F 3 3.21 2.15 11.32
CA THR F 3 1.83 1.97 11.78
C THR F 3 1.43 3.10 12.74
N GLU F 4 0.10 3.23 12.98
CA GLU F 4 -0.48 4.19 13.90
C GLU F 4 -0.70 3.54 15.26
N VAL F 5 -0.73 2.21 15.34
CA VAL F 5 -1.10 1.58 16.61
C VAL F 5 0.08 1.64 17.58
N VAL F 6 -0.12 2.32 18.73
CA VAL F 6 0.85 2.47 19.80
C VAL F 6 0.19 2.32 21.18
N ARG F 7 -0.57 1.25 21.40
CA ARG F 7 -1.21 1.06 22.70
C ARG F 7 -0.18 0.69 23.77
N HIS F 8 -0.34 1.27 24.98
CA HIS F 8 0.50 1.00 26.13
C HIS F 8 0.18 -0.39 26.67
N CYS F 9 1.15 -0.94 27.40
CA CYS F 9 0.97 -2.27 27.97
C CYS F 9 0.41 -2.16 29.38
#